data_3UDG
#
_entry.id   3UDG
#
_cell.length_a   161.144
_cell.length_b   95.675
_cell.length_c   65.726
_cell.angle_alpha   90.000
_cell.angle_beta   94.120
_cell.angle_gamma   90.000
#
_symmetry.space_group_name_H-M   'C 1 2 1'
#
loop_
_entity.id
_entity.type
_entity.pdbx_description
1 polymer 'Single-stranded DNA-binding protein'
2 polymer "5'-D(P*TP*TP*TP*TP*TP*TP*TP*TP*TP*TP*TP*TP*TP*TP*TP*TP*TP*TP*TP*TP*TP*TP*TP*TP*TP*TP*TP*TP*TP*TP*TP*TP*TP*TP*T)-3'"
3 non-polymer "THYMIDINE-5'-PHOSPHATE"
4 water water
#
loop_
_entity_poly.entity_id
_entity_poly.type
_entity_poly.pdbx_seq_one_letter_code
_entity_poly.pdbx_strand_id
1 'polypeptide(L)'
;MARGMNHVYLIGALARDPELRYTGNGMAVFEATVAGEDRVIGNDGRERNLPWYHRVSILGKPAEWQAERNLKGGDAVVVE
GTLEYRQWEAPEGGKRSAVNVKALRMEQLGTQPELIQDAGGGVRMSGAMNEVLVLGNVTRDPEIRYTPAGDAVLSLSIAV
NENYQDRQGQRQEKVHYIDATLWRDLAENMKELRKGDPVMIMGRLVNEGWTDKDGNKRNSTRVEATRVEALARGAGNANS
GYAAATPAAPRTQTASSAARPTSGGYQSQPSRAANTGSRSGGLDIDQGLDDFPPEEDDLPF
;
A,B,C
2 'polydeoxyribonucleotide'
;(DT)(DT)(DT)(DT)(DT)(DT)(DT)(DT)(DT)(DT)(DT)(DT)(DT)(DT)(DT)(DT)(DT)(DT)(DT)(DT)
(DT)(DT)(DT)(DT)(DT)(DT)(DT)(DT)(DT)(DT)(DT)(DT)(DT)(DT)(DT)
;
D,E,F,G,H,I
#
loop_
_chem_comp.id
_chem_comp.type
_chem_comp.name
_chem_comp.formula
DT DNA linking THYMIDINE-5'-MONOPHOSPHATE 'C10 H15 N2 O8 P'
TMP non-polymer THYMIDINE-5'-PHOSPHATE 'C10 H15 N2 O8 P'
#
# COMPACT_ATOMS: atom_id res chain seq x y z
N ARG A 3 37.54 -1.54 -32.70
CA ARG A 3 36.27 -1.39 -33.52
C ARG A 3 34.99 -1.67 -32.72
N GLY A 4 33.95 -0.87 -32.95
CA GLY A 4 32.95 -0.65 -31.97
C GLY A 4 31.77 -1.59 -31.94
N MET A 5 31.12 -1.63 -30.79
CA MET A 5 29.82 -2.28 -30.72
C MET A 5 28.97 -1.35 -29.90
N ASN A 6 27.69 -1.31 -30.17
CA ASN A 6 26.93 -0.26 -29.59
C ASN A 6 25.47 -0.59 -29.56
N HIS A 7 24.94 -1.11 -28.44
CA HIS A 7 23.53 -1.52 -28.40
C HIS A 7 22.84 -1.01 -27.17
N VAL A 8 21.59 -0.63 -27.30
CA VAL A 8 20.82 -0.16 -26.23
C VAL A 8 19.49 -0.78 -26.52
N TYR A 9 18.83 -1.25 -25.47
CA TYR A 9 17.51 -1.80 -25.55
C TYR A 9 16.77 -1.16 -24.43
N LEU A 10 15.58 -0.74 -24.73
CA LEU A 10 14.81 -0.01 -23.79
C LEU A 10 13.39 -0.50 -23.96
N ILE A 11 12.71 -0.73 -22.83
CA ILE A 11 11.24 -0.89 -22.83
C ILE A 11 10.73 0.13 -21.83
N GLY A 12 9.77 0.94 -22.24
CA GLY A 12 9.45 2.18 -21.57
C GLY A 12 8.17 2.74 -22.17
N ALA A 13 7.71 3.87 -21.63
CA ALA A 13 6.48 4.53 -22.15
C ALA A 13 6.86 5.85 -22.79
N LEU A 14 6.07 6.27 -23.79
CA LEU A 14 6.25 7.64 -24.29
C LEU A 14 5.76 8.62 -23.19
N ALA A 15 6.66 9.48 -22.77
CA ALA A 15 6.43 10.33 -21.60
C ALA A 15 5.34 11.32 -21.95
N ARG A 16 5.33 11.72 -23.23
CA ARG A 16 4.28 12.51 -23.89
C ARG A 16 4.33 12.21 -25.40
N ASP A 17 3.52 12.98 -26.15
CA ASP A 17 3.38 12.83 -27.58
C ASP A 17 4.68 12.98 -28.32
N PRO A 18 4.91 12.09 -29.30
CA PRO A 18 6.09 12.23 -30.12
C PRO A 18 5.89 13.39 -31.14
N GLU A 19 6.98 13.80 -31.77
CA GLU A 19 6.95 14.84 -32.78
C GLU A 19 7.73 14.34 -34.01
N LEU A 20 7.20 14.64 -35.18
CA LEU A 20 7.90 14.48 -36.44
C LEU A 20 8.43 15.82 -36.95
N ARG A 21 9.73 15.92 -37.24
CA ARG A 21 10.23 17.14 -37.87
C ARG A 21 11.17 16.85 -39.09
N TYR A 22 11.63 17.92 -39.77
CA TYR A 22 12.50 17.80 -40.98
C TYR A 22 13.72 18.69 -40.87
N THR A 23 14.88 18.19 -41.29
CA THR A 23 16.11 18.99 -41.31
C THR A 23 16.13 20.01 -42.48
N GLY A 24 17.29 20.68 -42.69
CA GLY A 24 17.47 21.60 -43.84
C GLY A 24 17.47 20.81 -45.14
N ASN A 25 18.37 19.84 -45.20
CA ASN A 25 18.42 18.73 -46.17
C ASN A 25 17.08 18.00 -46.51
N GLY A 26 16.04 18.25 -45.72
CA GLY A 26 14.78 17.54 -45.83
C GLY A 26 14.67 16.21 -45.07
N MET A 27 15.76 15.78 -44.42
CA MET A 27 15.75 14.49 -43.67
C MET A 27 14.74 14.46 -42.52
N ALA A 28 13.94 13.39 -42.47
CA ALA A 28 12.87 13.24 -41.47
C ALA A 28 13.45 12.74 -40.14
N VAL A 29 13.09 13.43 -39.04
CA VAL A 29 13.51 13.02 -37.68
C VAL A 29 12.28 12.78 -36.86
N PHE A 30 12.15 11.57 -36.35
CA PHE A 30 11.09 11.30 -35.39
C PHE A 30 11.70 11.25 -33.98
N GLU A 31 11.04 11.93 -33.04
CA GLU A 31 11.56 12.14 -31.72
C GLU A 31 10.54 11.76 -30.66
N ALA A 32 10.99 10.97 -29.71
CA ALA A 32 10.15 10.62 -28.58
C ALA A 32 10.98 10.53 -27.35
N THR A 33 10.29 10.78 -26.22
CA THR A 33 10.92 10.65 -24.92
C THR A 33 10.37 9.37 -24.31
N VAL A 34 11.27 8.45 -24.09
CA VAL A 34 10.85 7.14 -23.61
C VAL A 34 11.23 7.12 -22.13
N ALA A 35 10.28 6.79 -21.29
CA ALA A 35 10.62 6.86 -19.86
C ALA A 35 10.25 5.63 -19.16
N GLY A 36 11.08 5.18 -18.25
CA GLY A 36 10.50 4.20 -17.32
C GLY A 36 11.18 4.09 -15.96
N GLU A 37 10.84 3.02 -15.27
CA GLU A 37 11.46 2.77 -13.96
C GLU A 37 11.88 1.32 -13.86
N ASP A 38 13.17 1.10 -13.59
CA ASP A 38 13.62 -0.28 -13.43
C ASP A 38 13.67 -0.74 -11.96
N ARG A 39 13.18 -1.95 -11.74
CA ARG A 39 13.30 -2.63 -10.46
C ARG A 39 14.70 -3.26 -10.42
N VAL A 40 15.68 -2.52 -9.90
CA VAL A 40 17.07 -2.96 -9.86
C VAL A 40 17.31 -3.82 -8.62
N ILE A 41 17.53 -5.12 -8.86
CA ILE A 41 17.51 -6.16 -7.84
C ILE A 41 18.74 -6.04 -6.92
N GLY A 42 18.65 -5.15 -5.94
CA GLY A 42 19.78 -4.85 -5.06
C GLY A 42 21.13 -4.72 -5.76
N GLU A 47 16.94 -3.75 -3.61
CA GLU A 47 15.88 -3.48 -4.58
C GLU A 47 15.61 -1.98 -4.73
N ARG A 48 16.19 -1.39 -5.77
CA ARG A 48 16.09 0.05 -6.06
C ARG A 48 15.07 0.29 -7.19
N ASN A 49 14.37 1.42 -7.16
CA ASN A 49 13.67 1.93 -8.33
C ASN A 49 14.52 3.00 -9.01
N LEU A 50 15.10 2.68 -10.17
CA LEU A 50 15.92 3.61 -10.91
C LEU A 50 15.09 4.10 -12.09
N PRO A 51 14.65 5.39 -12.04
CA PRO A 51 13.89 6.00 -13.15
C PRO A 51 14.81 6.55 -14.23
N TRP A 52 14.29 6.72 -15.44
CA TRP A 52 15.16 7.27 -16.52
C TRP A 52 14.28 7.79 -17.57
N TYR A 53 14.76 8.78 -18.34
CA TYR A 53 13.97 9.50 -19.40
C TYR A 53 14.93 9.68 -20.51
N HIS A 54 14.68 9.10 -21.68
CA HIS A 54 15.67 9.24 -22.79
C HIS A 54 15.06 9.75 -24.03
N ARG A 55 15.67 10.74 -24.62
CA ARG A 55 15.22 11.18 -25.98
C ARG A 55 15.68 10.12 -26.94
N VAL A 56 14.70 9.58 -27.67
CA VAL A 56 14.98 8.60 -28.69
C VAL A 56 14.69 9.21 -30.07
N SER A 57 15.61 9.10 -31.00
CA SER A 57 15.23 9.55 -32.37
C SER A 57 15.44 8.52 -33.50
N ILE A 58 14.47 8.51 -34.41
CA ILE A 58 14.51 7.75 -35.64
C ILE A 58 14.64 8.69 -36.85
N LEU A 59 15.60 8.38 -37.72
CA LEU A 59 15.99 9.20 -38.86
C LEU A 59 15.46 8.61 -40.19
N GLY A 60 15.17 9.48 -41.15
CA GLY A 60 14.98 9.03 -42.52
C GLY A 60 13.58 8.56 -42.80
N LYS A 61 13.48 7.52 -43.62
CA LYS A 61 12.18 7.03 -44.07
C LYS A 61 11.49 6.27 -42.93
N PRO A 62 12.25 5.43 -42.20
CA PRO A 62 11.63 4.88 -40.94
C PRO A 62 11.02 5.96 -39.96
N ALA A 63 11.60 7.16 -39.88
CA ALA A 63 10.95 8.30 -39.12
C ALA A 63 9.52 8.54 -39.52
N GLU A 64 9.26 8.49 -40.82
CA GLU A 64 7.96 8.73 -41.37
C GLU A 64 7.09 7.53 -41.24
N TRP A 65 7.67 6.33 -41.37
CA TRP A 65 6.95 5.10 -41.03
C TRP A 65 6.52 5.14 -39.57
N GLN A 66 7.41 5.57 -38.68
CA GLN A 66 7.06 5.61 -37.24
C GLN A 66 5.92 6.61 -36.96
N ALA A 67 6.02 7.82 -37.52
CA ALA A 67 4.97 8.84 -37.33
C ALA A 67 3.62 8.39 -37.86
N GLU A 68 3.62 7.64 -38.94
CA GLU A 68 2.37 7.05 -39.45
C GLU A 68 1.66 6.20 -38.39
N ARG A 69 2.41 5.65 -37.44
CA ARG A 69 1.78 4.75 -36.44
C ARG A 69 0.93 5.48 -35.40
N ASN A 70 1.13 6.80 -35.33
CA ASN A 70 0.35 7.71 -34.47
C ASN A 70 0.38 7.39 -32.95
N LEU A 71 1.58 7.13 -32.43
CA LEU A 71 1.74 6.85 -31.01
C LEU A 71 1.53 8.09 -30.16
N LYS A 72 0.97 7.88 -28.97
CA LYS A 72 0.59 8.95 -28.08
C LYS A 72 1.32 8.80 -26.76
N GLY A 73 1.37 9.91 -25.99
CA GLY A 73 1.82 9.92 -24.61
C GLY A 73 1.24 8.76 -23.84
N GLY A 74 2.08 8.08 -23.07
CA GLY A 74 1.59 6.86 -22.44
C GLY A 74 1.64 5.51 -23.13
N ASP A 75 1.82 5.45 -24.45
CA ASP A 75 1.96 4.15 -25.14
C ASP A 75 3.27 3.49 -24.71
N ALA A 76 3.27 2.19 -24.48
CA ALA A 76 4.53 1.56 -24.15
C ALA A 76 5.21 0.97 -25.41
N VAL A 77 6.53 1.06 -25.51
CA VAL A 77 7.20 0.66 -26.71
C VAL A 77 8.46 -0.07 -26.35
N VAL A 78 8.94 -0.91 -27.26
CA VAL A 78 10.31 -1.43 -27.13
C VAL A 78 11.10 -0.78 -28.21
N VAL A 79 12.31 -0.42 -27.85
CA VAL A 79 13.19 0.25 -28.69
C VAL A 79 14.46 -0.57 -28.76
N GLU A 80 14.97 -0.75 -29.98
CA GLU A 80 16.32 -1.26 -30.15
C GLU A 80 17.11 -0.15 -30.87
N GLY A 81 18.29 0.19 -30.39
CA GLY A 81 18.91 1.40 -30.82
C GLY A 81 20.38 1.38 -30.54
N THR A 82 21.02 2.52 -30.66
CA THR A 82 22.45 2.68 -30.39
C THR A 82 22.64 3.99 -29.69
N LEU A 83 23.78 4.18 -29.07
CA LEU A 83 24.11 5.48 -28.51
C LEU A 83 24.76 6.36 -29.60
N GLU A 84 24.22 7.55 -29.79
CA GLU A 84 24.70 8.47 -30.80
C GLU A 84 25.37 9.66 -30.07
N TYR A 85 26.67 9.83 -30.27
CA TYR A 85 27.39 11.02 -29.83
C TYR A 85 27.31 12.19 -30.86
N ARG A 86 26.93 13.38 -30.40
CA ARG A 86 26.89 14.56 -31.30
C ARG A 86 27.65 15.74 -30.72
N GLN A 87 28.49 16.35 -31.56
CA GLN A 87 29.20 17.56 -31.21
C GLN A 87 28.72 18.69 -32.13
N TRP A 88 28.47 19.90 -31.56
CA TRP A 88 27.99 21.08 -32.33
C TRP A 88 28.43 22.42 -31.70
N GLU A 89 28.31 23.52 -32.46
CA GLU A 89 28.60 24.85 -31.84
C GLU A 89 27.26 25.42 -31.41
N ALA A 90 27.15 25.83 -30.15
CA ALA A 90 25.90 26.48 -29.73
C ALA A 90 25.70 27.88 -30.48
N PRO A 91 24.44 28.34 -30.70
CA PRO A 91 24.23 29.71 -31.28
C PRO A 91 24.89 30.80 -30.44
N GLU A 92 24.98 30.59 -29.13
CA GLU A 92 25.62 31.53 -28.23
C GLU A 92 27.12 31.41 -28.28
N GLY A 93 27.62 30.57 -29.16
CA GLY A 93 29.08 30.38 -29.23
C GLY A 93 29.57 29.24 -28.31
N GLY A 94 30.60 28.51 -28.74
CA GLY A 94 31.14 27.42 -27.89
C GLY A 94 30.68 26.02 -28.27
N LYS A 95 31.61 25.08 -28.13
CA LYS A 95 31.37 23.66 -28.47
C LYS A 95 30.40 23.05 -27.49
N ARG A 96 29.46 22.27 -28.02
CA ARG A 96 28.63 21.43 -27.17
C ARG A 96 28.64 20.00 -27.71
N SER A 97 28.25 19.05 -26.86
CA SER A 97 28.27 17.61 -27.18
C SER A 97 27.26 16.92 -26.32
N ALA A 98 26.73 15.81 -26.81
CA ALA A 98 25.73 15.02 -26.07
C ALA A 98 25.66 13.65 -26.71
N VAL A 99 25.39 12.66 -25.85
CA VAL A 99 25.03 11.33 -26.29
C VAL A 99 23.55 11.12 -26.15
N ASN A 100 22.85 10.79 -27.24
CA ASN A 100 21.42 10.40 -27.15
C ASN A 100 21.16 8.98 -27.73
N VAL A 101 19.90 8.56 -27.81
CA VAL A 101 19.57 7.26 -28.34
C VAL A 101 19.00 7.39 -29.73
N LYS A 102 19.64 6.71 -30.70
CA LYS A 102 19.14 6.58 -32.05
C LYS A 102 18.47 5.20 -32.11
N ALA A 103 17.19 5.12 -32.45
CA ALA A 103 16.49 3.85 -32.52
C ALA A 103 16.62 3.31 -33.92
N LEU A 104 17.01 2.04 -34.06
CA LEU A 104 16.91 1.31 -35.33
C LEU A 104 15.53 0.72 -35.46
N ARG A 105 14.84 0.63 -34.34
CA ARG A 105 13.52 0.03 -34.33
C ARG A 105 12.77 0.43 -33.06
N MET A 106 11.46 0.51 -33.16
CA MET A 106 10.55 0.83 -32.11
C MET A 106 9.28 0.05 -32.39
N GLU A 107 8.81 -0.77 -31.45
CA GLU A 107 7.54 -1.45 -31.57
C GLU A 107 6.70 -1.18 -30.34
N GLN A 108 5.40 -1.21 -30.53
CA GLN A 108 4.45 -0.97 -29.50
C GLN A 108 4.15 -2.25 -28.68
N LEU A 109 4.02 -2.12 -27.35
CA LEU A 109 3.62 -3.27 -26.52
C LEU A 109 2.19 -3.58 -26.74
N GLY A 110 1.80 -4.83 -26.52
CA GLY A 110 0.40 -5.19 -26.70
C GLY A 110 -0.42 -5.19 -25.41
N THR A 111 0.23 -4.85 -24.28
CA THR A 111 -0.46 -4.71 -22.99
C THR A 111 -0.40 -3.23 -22.53
N GLN A 112 -1.37 -2.76 -21.76
CA GLN A 112 -1.27 -1.39 -21.17
C GLN A 112 -0.33 -1.45 -20.00
N PRO A 113 0.72 -0.65 -20.01
CA PRO A 113 1.59 -0.79 -18.90
C PRO A 113 1.06 0.11 -17.76
N GLU A 114 1.66 0.01 -16.59
CA GLU A 114 1.35 0.91 -15.50
C GLU A 114 2.17 2.17 -15.59
N LEU A 115 1.46 3.28 -15.67
CA LEU A 115 2.13 4.58 -15.81
C LEU A 115 2.27 5.30 -14.45
N ILE A 116 3.52 5.48 -14.03
CA ILE A 116 3.83 6.20 -12.84
C ILE A 116 3.80 7.69 -13.25
N GLN A 117 2.93 8.50 -12.65
CA GLN A 117 2.92 9.94 -12.91
C GLN A 117 4.08 10.71 -12.26
N ASP A 118 4.68 11.67 -12.98
CA ASP A 118 5.75 12.51 -12.41
C ASP A 118 5.29 13.97 -12.10
N ALA A 119 6.18 14.76 -11.52
CA ALA A 119 5.86 16.14 -11.12
C ALA A 119 5.52 16.98 -12.34
N GLY A 120 6.45 17.06 -13.28
CA GLY A 120 6.26 17.88 -14.48
C GLY A 120 5.35 17.38 -15.59
N GLY A 121 4.26 16.68 -15.25
CA GLY A 121 3.24 16.30 -16.24
C GLY A 121 3.45 15.03 -17.07
N GLY A 122 4.61 14.40 -16.94
CA GLY A 122 4.88 13.19 -17.71
C GLY A 122 4.60 11.88 -16.99
N VAL A 123 4.61 10.81 -17.75
CA VAL A 123 4.48 9.49 -17.22
C VAL A 123 5.74 8.72 -17.51
N ARG A 124 5.96 7.69 -16.72
CA ARG A 124 7.00 6.74 -16.99
C ARG A 124 6.45 5.36 -16.70
N MET A 125 6.96 4.37 -17.43
CA MET A 125 6.52 2.98 -17.29
C MET A 125 7.08 2.30 -16.06
N SER A 126 6.20 1.67 -15.31
CA SER A 126 6.62 0.88 -14.15
C SER A 126 7.08 -0.51 -14.63
N GLY A 127 8.27 -0.95 -14.23
CA GLY A 127 8.65 -2.31 -14.52
C GLY A 127 9.27 -2.33 -15.91
N ALA A 128 10.17 -1.38 -16.16
CA ALA A 128 10.66 -1.05 -17.48
C ALA A 128 11.92 -1.86 -17.73
N MET A 129 12.61 -1.60 -18.83
CA MET A 129 13.85 -2.33 -19.09
C MET A 129 14.85 -1.44 -19.72
N ASN A 130 16.12 -1.59 -19.35
CA ASN A 130 17.10 -0.68 -19.85
C ASN A 130 18.40 -1.37 -19.88
N GLU A 131 18.94 -1.59 -21.07
CA GLU A 131 20.20 -2.32 -21.14
C GLU A 131 21.08 -1.78 -22.24
N VAL A 132 22.38 -1.71 -22.00
CA VAL A 132 23.32 -1.18 -22.97
C VAL A 132 24.47 -2.16 -23.03
N LEU A 133 24.99 -2.40 -24.25
CA LEU A 133 26.26 -3.09 -24.39
C LEU A 133 27.11 -2.29 -25.36
N VAL A 134 28.31 -1.91 -24.95
CA VAL A 134 29.10 -1.18 -25.86
C VAL A 134 30.48 -1.65 -25.74
N LEU A 135 31.28 -1.50 -26.80
CA LEU A 135 32.64 -1.95 -26.82
C LEU A 135 33.32 -0.82 -27.56
N GLY A 136 34.41 -0.33 -26.98
CA GLY A 136 35.27 0.64 -27.65
C GLY A 136 36.57 0.75 -26.91
N ASN A 137 37.36 1.77 -27.18
CA ASN A 137 38.68 1.93 -26.56
C ASN A 137 38.71 3.06 -25.51
N VAL A 138 39.39 2.83 -24.41
CA VAL A 138 39.43 3.81 -23.35
C VAL A 138 40.17 5.03 -23.90
N THR A 139 39.58 6.22 -23.77
CA THR A 139 40.20 7.45 -24.36
C THR A 139 41.30 8.13 -23.55
N ARG A 140 41.29 7.91 -22.23
CA ARG A 140 42.32 8.44 -21.32
C ARG A 140 42.33 7.62 -20.01
N ASP A 141 43.50 7.60 -19.37
CA ASP A 141 43.68 7.04 -18.03
C ASP A 141 42.63 7.51 -17.06
N PRO A 142 41.87 6.58 -16.47
CA PRO A 142 40.83 6.97 -15.51
C PRO A 142 41.45 7.13 -14.13
N GLU A 143 40.74 7.79 -13.22
CA GLU A 143 41.25 7.90 -11.86
C GLU A 143 40.14 7.69 -10.88
N ILE A 144 40.40 6.82 -9.90
CA ILE A 144 39.43 6.51 -8.86
C ILE A 144 39.10 7.75 -7.98
N ARG A 145 37.81 8.02 -7.82
CA ARG A 145 37.32 9.06 -6.92
C ARG A 145 36.45 8.42 -5.83
N TYR A 146 35.99 9.25 -4.88
CA TYR A 146 35.04 8.83 -3.88
C TYR A 146 33.90 9.79 -3.86
N THR A 147 32.72 9.26 -3.60
CA THR A 147 31.56 10.11 -3.56
C THR A 147 31.47 10.65 -2.14
N PRO A 148 30.61 11.67 -1.93
CA PRO A 148 30.49 12.16 -0.54
C PRO A 148 30.22 11.07 0.48
N ALA A 149 29.46 10.06 0.12
CA ALA A 149 29.15 8.96 1.04
C ALA A 149 30.30 7.96 1.21
N GLY A 150 31.40 8.17 0.54
CA GLY A 150 32.51 7.22 0.68
C GLY A 150 32.65 6.16 -0.41
N ASP A 151 31.71 6.09 -1.36
CA ASP A 151 31.78 5.05 -2.44
C ASP A 151 32.88 5.27 -3.47
N ALA A 152 33.65 4.22 -3.74
CA ALA A 152 34.52 4.23 -4.93
C ALA A 152 33.70 4.45 -6.22
N VAL A 153 34.20 5.31 -7.09
CA VAL A 153 33.55 5.63 -8.37
C VAL A 153 34.71 5.82 -9.35
N LEU A 154 34.52 5.36 -10.60
CA LEU A 154 35.51 5.50 -11.67
C LEU A 154 34.74 5.93 -12.93
N SER A 155 35.11 7.07 -13.49
CA SER A 155 34.57 7.55 -14.76
C SER A 155 35.42 7.01 -15.84
N LEU A 156 34.74 6.40 -16.79
CA LEU A 156 35.47 5.81 -17.87
C LEU A 156 34.97 6.45 -19.14
N SER A 157 35.92 6.89 -19.95
CA SER A 157 35.61 7.44 -21.26
C SER A 157 36.06 6.51 -22.34
N ILE A 158 35.13 6.15 -23.21
CA ILE A 158 35.54 5.36 -24.35
C ILE A 158 35.06 5.94 -25.67
N ALA A 159 35.78 5.54 -26.72
CA ALA A 159 35.52 5.87 -28.13
C ALA A 159 35.05 4.61 -28.86
N VAL A 160 33.82 4.62 -29.36
CA VAL A 160 33.21 3.59 -30.13
C VAL A 160 33.30 3.97 -31.65
N ASN A 161 34.22 3.33 -32.36
CA ASN A 161 34.36 3.51 -33.80
C ASN A 161 33.25 2.92 -34.65
N GLU A 162 32.56 3.76 -35.40
CA GLU A 162 31.53 3.29 -36.35
C GLU A 162 31.98 3.57 -37.78
N ASN A 163 31.86 2.55 -38.65
CA ASN A 163 32.00 2.69 -40.09
C ASN A 163 30.67 2.44 -40.80
N TYR A 164 30.30 3.31 -41.74
CA TYR A 164 29.12 3.10 -42.61
C TYR A 164 29.41 3.37 -44.09
N GLN A 170 30.93 4.55 -50.69
CA GLN A 170 31.24 5.82 -50.03
C GLN A 170 31.29 5.56 -48.52
N ARG A 171 32.51 5.44 -47.98
CA ARG A 171 32.72 4.86 -46.64
C ARG A 171 33.25 5.82 -45.57
N GLN A 172 32.42 6.09 -44.57
CA GLN A 172 32.67 7.12 -43.58
C GLN A 172 32.97 6.54 -42.21
N GLU A 173 33.77 7.27 -41.43
CA GLU A 173 34.08 6.91 -40.05
C GLU A 173 33.52 7.92 -39.05
N LYS A 174 32.83 7.42 -38.04
CA LYS A 174 32.39 8.23 -36.94
C LYS A 174 32.96 7.71 -35.63
N VAL A 175 33.14 8.60 -34.69
CA VAL A 175 33.50 8.21 -33.37
C VAL A 175 32.42 8.70 -32.43
N HIS A 176 31.95 7.81 -31.58
CA HIS A 176 31.08 8.20 -30.49
C HIS A 176 31.87 8.13 -29.26
N TYR A 177 31.85 9.20 -28.49
CA TYR A 177 32.53 9.31 -27.21
C TYR A 177 31.49 9.09 -26.18
N ILE A 178 31.66 8.00 -25.42
CA ILE A 178 30.62 7.53 -24.48
C ILE A 178 31.26 7.48 -23.11
N ASP A 179 30.53 7.94 -22.10
CA ASP A 179 31.06 7.88 -20.74
C ASP A 179 30.39 6.83 -19.91
N ALA A 180 31.19 6.16 -19.11
CA ALA A 180 30.67 5.13 -18.22
C ALA A 180 31.04 5.43 -16.78
N THR A 181 30.10 5.16 -15.89
CA THR A 181 30.41 5.11 -14.46
C THR A 181 30.46 3.70 -13.88
N LEU A 182 31.62 3.36 -13.32
CA LEU A 182 31.79 2.14 -12.56
C LEU A 182 31.84 2.37 -11.01
N TRP A 183 30.95 1.73 -10.25
CA TRP A 183 30.81 1.90 -8.79
C TRP A 183 31.46 0.81 -7.96
N ARG A 184 31.91 1.19 -6.75
CA ARG A 184 32.40 0.25 -5.71
C ARG A 184 33.45 -0.72 -6.22
N ASP A 185 33.18 -2.03 -6.14
CA ASP A 185 34.19 -3.05 -6.48
C ASP A 185 34.58 -3.08 -7.98
N LEU A 186 33.59 -2.83 -8.85
CA LEU A 186 33.86 -2.59 -10.26
C LEU A 186 34.88 -1.46 -10.44
N ALA A 187 34.58 -0.30 -9.88
CA ALA A 187 35.56 0.80 -9.85
C ALA A 187 36.94 0.30 -9.47
N GLU A 188 37.02 -0.43 -8.35
CA GLU A 188 38.29 -1.01 -7.90
C GLU A 188 38.91 -2.08 -8.83
N ASN A 189 38.11 -3.02 -9.35
CA ASN A 189 38.73 -4.03 -10.24
C ASN A 189 39.30 -3.42 -11.53
N MET A 190 38.80 -2.26 -11.93
CA MET A 190 39.16 -1.72 -13.26
C MET A 190 40.09 -0.51 -13.19
N LYS A 191 40.66 -0.28 -12.01
CA LYS A 191 41.63 0.81 -11.76
C LYS A 191 42.81 0.84 -12.70
N GLU A 192 43.25 -0.33 -13.14
CA GLU A 192 44.45 -0.45 -13.99
C GLU A 192 44.27 -0.11 -15.46
N LEU A 193 43.08 0.29 -15.89
CA LEU A 193 42.81 0.53 -17.33
C LEU A 193 43.60 1.73 -17.86
N ARG A 194 44.14 1.57 -19.07
CA ARG A 194 44.96 2.60 -19.69
C ARG A 194 44.37 3.17 -20.96
N LYS A 195 44.81 4.38 -21.28
CA LYS A 195 44.45 4.99 -22.53
C LYS A 195 44.68 3.95 -23.66
N GLY A 196 43.70 3.75 -24.52
CA GLY A 196 43.91 2.80 -25.60
C GLY A 196 43.35 1.41 -25.37
N ASP A 197 43.19 1.01 -24.13
CA ASP A 197 42.71 -0.33 -23.83
C ASP A 197 41.30 -0.59 -24.39
N PRO A 198 41.13 -1.70 -25.13
CA PRO A 198 39.77 -2.00 -25.61
C PRO A 198 38.93 -2.57 -24.48
N VAL A 199 37.65 -2.30 -24.44
CA VAL A 199 36.98 -2.67 -23.26
C VAL A 199 35.54 -2.97 -23.64
N MET A 200 34.91 -3.94 -22.98
CA MET A 200 33.47 -4.06 -23.12
C MET A 200 32.70 -3.75 -21.80
N ILE A 201 31.56 -3.06 -21.89
CA ILE A 201 30.82 -2.58 -20.76
C ILE A 201 29.38 -2.90 -21.04
N MET A 202 28.71 -3.66 -20.15
CA MET A 202 27.26 -3.61 -20.14
C MET A 202 26.73 -2.79 -18.96
N GLY A 203 25.49 -2.31 -19.06
CA GLY A 203 24.98 -1.63 -17.97
C GLY A 203 23.65 -1.09 -18.31
N ARG A 204 23.37 0.10 -17.73
CA ARG A 204 22.09 0.78 -17.87
C ARG A 204 22.41 2.16 -18.35
N LEU A 205 21.50 2.70 -19.12
CA LEU A 205 21.69 4.03 -19.63
C LEU A 205 20.97 5.02 -18.65
N VAL A 206 21.75 5.91 -18.02
CA VAL A 206 21.22 6.85 -17.00
C VAL A 206 21.38 8.32 -17.40
N ASN A 207 20.42 9.12 -16.94
CA ASN A 207 20.48 10.57 -16.95
C ASN A 207 21.29 11.07 -15.77
N GLU A 208 22.44 11.68 -16.07
CA GLU A 208 23.39 12.19 -15.05
C GLU A 208 24.08 11.07 -14.30
N SER A 220 23.17 14.89 -18.36
CA SER A 220 23.95 14.17 -19.38
C SER A 220 23.78 12.63 -19.35
N THR A 221 23.75 12.02 -20.54
CA THR A 221 23.60 10.58 -20.68
C THR A 221 24.88 9.79 -20.43
N ARG A 222 24.85 8.92 -19.41
CA ARG A 222 25.99 8.05 -19.02
C ARG A 222 25.55 6.58 -19.01
N VAL A 223 26.52 5.68 -19.17
CA VAL A 223 26.27 4.25 -19.00
C VAL A 223 26.64 3.88 -17.57
N GLU A 224 25.69 3.46 -16.76
CA GLU A 224 26.09 2.97 -15.44
C GLU A 224 26.49 1.47 -15.55
N ALA A 225 27.77 1.15 -15.45
CA ALA A 225 28.27 -0.21 -15.70
C ALA A 225 27.82 -1.22 -14.66
N THR A 226 27.27 -2.36 -15.10
CA THR A 226 27.07 -3.49 -14.19
C THR A 226 28.14 -4.51 -14.46
N ARG A 227 28.86 -4.39 -15.58
CA ARG A 227 29.88 -5.39 -15.92
C ARG A 227 30.86 -4.83 -16.91
N VAL A 228 32.14 -5.02 -16.67
CA VAL A 228 33.08 -4.48 -17.59
C VAL A 228 34.07 -5.58 -17.87
N GLU A 229 34.48 -5.78 -19.13
CA GLU A 229 35.58 -6.72 -19.43
C GLU A 229 36.63 -6.06 -20.28
N ALA A 230 37.87 -6.22 -19.86
CA ALA A 230 39.00 -5.80 -20.63
C ALA A 230 39.25 -6.85 -21.73
N LEU A 231 39.48 -6.39 -22.96
CA LEU A 231 39.72 -7.24 -24.08
C LEU A 231 41.22 -7.23 -24.38
N ALA A 232 41.71 -8.22 -25.12
CA ALA A 232 43.14 -8.29 -25.48
C ALA A 232 43.53 -7.28 -26.59
N ARG A 233 44.77 -6.79 -26.49
CA ARG A 233 45.59 -6.15 -27.60
C ARG A 233 46.37 -4.91 -27.19
N GLY B 4 -25.08 -5.05 14.79
CA GLY B 4 -24.59 -4.06 13.76
C GLY B 4 -23.09 -3.79 13.90
N MET B 5 -22.25 -4.27 12.96
CA MET B 5 -20.84 -3.80 12.91
C MET B 5 -20.40 -3.43 11.50
N ASN B 6 -19.68 -2.32 11.37
CA ASN B 6 -19.45 -1.73 10.08
C ASN B 6 -18.15 -0.94 9.99
N HIS B 7 -17.08 -1.55 9.50
CA HIS B 7 -15.77 -0.89 9.46
C HIS B 7 -15.12 -0.99 8.09
N VAL B 8 -14.58 0.15 7.62
CA VAL B 8 -13.78 0.26 6.41
C VAL B 8 -12.54 1.02 6.76
N TYR B 9 -11.37 0.53 6.33
CA TYR B 9 -10.11 1.23 6.40
C TYR B 9 -9.43 1.30 4.99
N LEU B 10 -9.05 2.52 4.54
CA LEU B 10 -8.50 2.78 3.20
C LEU B 10 -7.25 3.56 3.37
N ILE B 11 -6.19 3.14 2.72
CA ILE B 11 -5.05 4.01 2.55
C ILE B 11 -4.93 4.11 1.02
N GLY B 12 -5.02 5.33 0.51
CA GLY B 12 -5.19 5.57 -0.90
C GLY B 12 -4.76 6.99 -1.18
N ALA B 13 -4.86 7.41 -2.43
CA ALA B 13 -4.46 8.75 -2.74
C ALA B 13 -5.68 9.37 -3.26
N LEU B 14 -5.79 10.69 -3.10
CA LEU B 14 -6.92 11.47 -3.64
C LEU B 14 -6.75 11.53 -5.16
N ALA B 15 -7.80 11.12 -5.87
CA ALA B 15 -7.69 10.83 -7.30
C ALA B 15 -7.60 12.16 -8.01
N ARG B 16 -8.19 13.16 -7.35
CA ARG B 16 -8.27 14.55 -7.76
C ARG B 16 -8.70 15.40 -6.55
N ASP B 17 -8.76 16.70 -6.78
CA ASP B 17 -9.15 17.68 -5.78
C ASP B 17 -10.52 17.42 -5.14
N PRO B 18 -10.55 17.48 -3.79
CA PRO B 18 -11.72 17.39 -2.94
C PRO B 18 -12.68 18.58 -3.14
N GLU B 19 -13.96 18.34 -2.88
CA GLU B 19 -14.94 19.41 -2.81
C GLU B 19 -15.58 19.54 -1.42
N LEU B 20 -16.02 20.75 -1.11
CA LEU B 20 -16.68 21.08 0.14
C LEU B 20 -17.98 21.71 -0.21
N ARG B 21 -19.07 21.13 0.26
CA ARG B 21 -20.33 21.75 0.10
C ARG B 21 -21.06 21.85 1.45
N TYR B 22 -22.31 22.31 1.41
CA TYR B 22 -23.12 22.59 2.58
C TYR B 22 -24.53 22.14 2.22
N THR B 23 -25.22 21.52 3.18
CA THR B 23 -26.62 21.16 2.99
C THR B 23 -27.56 22.34 3.32
N GLY B 24 -28.87 22.11 3.19
CA GLY B 24 -29.92 23.09 3.45
C GLY B 24 -29.88 23.70 4.83
N ASN B 25 -29.65 22.88 5.87
CA ASN B 25 -29.54 23.35 7.26
C ASN B 25 -28.10 23.77 7.60
N GLY B 26 -27.25 23.77 6.57
CA GLY B 26 -25.87 24.24 6.72
C GLY B 26 -24.83 23.22 7.14
N MET B 27 -25.20 21.93 7.22
CA MET B 27 -24.19 20.85 7.46
C MET B 27 -23.13 20.76 6.39
N ALA B 28 -21.87 20.82 6.82
CA ALA B 28 -20.69 20.70 5.99
C ALA B 28 -20.52 19.20 5.54
N VAL B 29 -20.24 19.00 4.25
CA VAL B 29 -20.00 17.68 3.64
C VAL B 29 -18.72 17.84 2.81
N PHE B 30 -17.65 17.20 3.26
CA PHE B 30 -16.42 17.19 2.51
C PHE B 30 -16.32 15.83 1.75
N GLU B 31 -16.14 15.90 0.43
CA GLU B 31 -16.09 14.75 -0.44
C GLU B 31 -14.77 14.68 -1.15
N ALA B 32 -14.25 13.46 -1.29
CA ALA B 32 -13.01 13.17 -2.03
C ALA B 32 -13.12 11.75 -2.65
N THR B 33 -12.42 11.52 -3.76
CA THR B 33 -12.32 10.19 -4.40
C THR B 33 -10.97 9.68 -3.95
N VAL B 34 -10.97 8.57 -3.22
CA VAL B 34 -9.75 7.93 -2.72
C VAL B 34 -9.56 6.65 -3.57
N ALA B 35 -8.35 6.44 -4.02
CA ALA B 35 -8.05 5.46 -5.08
C ALA B 35 -6.78 4.80 -4.80
N GLY B 36 -6.71 3.51 -5.01
CA GLY B 36 -5.36 2.90 -4.90
C GLY B 36 -5.36 1.55 -5.55
N GLU B 37 -4.25 0.86 -5.37
CA GLU B 37 -4.33 -0.58 -5.69
C GLU B 37 -3.57 -1.42 -4.74
N ASP B 38 -4.15 -2.56 -4.45
CA ASP B 38 -3.66 -3.47 -3.43
C ASP B 38 -2.92 -4.69 -4.00
N ARG B 39 -1.72 -4.92 -3.49
CA ARG B 39 -0.98 -6.15 -3.78
C ARG B 39 -1.71 -7.24 -3.00
N VAL B 40 -2.54 -8.00 -3.72
CA VAL B 40 -3.37 -9.02 -3.11
C VAL B 40 -2.62 -10.36 -3.04
N GLU B 47 -0.30 -12.78 -6.57
CA GLU B 47 0.25 -11.44 -6.35
C GLU B 47 -0.45 -10.42 -7.24
N ARG B 48 -1.78 -10.45 -7.25
CA ARG B 48 -2.60 -9.59 -8.10
C ARG B 48 -2.58 -8.10 -7.68
N ASN B 49 -2.77 -7.21 -8.66
CA ASN B 49 -2.95 -5.80 -8.38
C ASN B 49 -4.41 -5.44 -8.58
N LEU B 50 -5.13 -5.20 -7.47
CA LEU B 50 -6.53 -4.79 -7.49
C LEU B 50 -6.71 -3.27 -7.31
N PRO B 51 -7.20 -2.58 -8.34
CA PRO B 51 -7.43 -1.15 -8.22
C PRO B 51 -8.83 -0.87 -7.70
N TRP B 52 -9.00 0.27 -7.01
CA TRP B 52 -10.31 0.66 -6.54
C TRP B 52 -10.33 2.15 -6.41
N TYR B 53 -11.53 2.71 -6.54
CA TYR B 53 -11.76 4.14 -6.48
C TYR B 53 -12.96 4.32 -5.57
N HIS B 54 -12.86 5.10 -4.48
CA HIS B 54 -14.09 5.24 -3.67
C HIS B 54 -14.37 6.67 -3.32
N ARG B 55 -15.63 7.03 -3.49
CA ARG B 55 -16.13 8.33 -3.06
C ARG B 55 -16.19 8.31 -1.52
N VAL B 56 -15.32 9.08 -0.87
CA VAL B 56 -15.34 9.21 0.59
C VAL B 56 -16.03 10.53 1.03
N SER B 57 -17.04 10.41 1.90
CA SER B 57 -17.66 11.61 2.50
C SER B 57 -17.37 11.72 3.97
N ILE B 58 -17.09 12.93 4.40
CA ILE B 58 -17.06 13.22 5.83
C ILE B 58 -18.01 14.41 6.20
N LEU B 59 -18.69 14.30 7.33
CA LEU B 59 -19.81 15.18 7.68
C LEU B 59 -19.49 16.10 8.87
N GLY B 60 -20.03 17.33 8.81
CA GLY B 60 -20.06 18.23 9.98
C GLY B 60 -18.75 18.93 10.27
N LYS B 61 -18.36 19.00 11.52
CA LYS B 61 -17.21 19.81 11.87
C LYS B 61 -15.96 19.18 11.28
N PRO B 62 -15.85 17.83 11.35
CA PRO B 62 -14.66 17.22 10.69
C PRO B 62 -14.53 17.54 9.18
N ALA B 63 -15.65 17.68 8.48
CA ALA B 63 -15.64 18.15 7.10
C ALA B 63 -14.78 19.40 6.95
N GLU B 64 -14.94 20.32 7.90
CA GLU B 64 -14.34 21.63 7.78
C GLU B 64 -12.88 21.65 8.14
N TRP B 65 -12.47 20.82 9.10
CA TRP B 65 -11.05 20.63 9.39
C TRP B 65 -10.33 20.10 8.19
N GLN B 66 -11.02 19.22 7.46
CA GLN B 66 -10.44 18.58 6.30
C GLN B 66 -10.26 19.60 5.16
N ALA B 67 -11.30 20.40 4.92
CA ALA B 67 -11.18 21.53 4.01
C ALA B 67 -9.96 22.38 4.32
N GLU B 68 -9.75 22.65 5.59
CA GLU B 68 -8.69 23.54 6.04
C GLU B 68 -7.32 22.98 5.77
N ARG B 69 -7.24 21.67 5.60
CA ARG B 69 -5.95 21.05 5.29
C ARG B 69 -5.51 21.34 3.85
N ASN B 70 -6.45 21.75 3.00
CA ASN B 70 -6.10 22.13 1.64
C ASN B 70 -5.45 20.95 0.83
N LEU B 71 -6.20 19.88 0.64
CA LEU B 71 -5.68 18.64 0.07
C LEU B 71 -5.86 18.61 -1.41
N LYS B 72 -4.83 18.15 -2.11
CA LYS B 72 -4.87 18.11 -3.58
C LYS B 72 -4.82 16.68 -4.09
N GLY B 73 -5.31 16.49 -5.33
CA GLY B 73 -5.07 15.27 -6.11
C GLY B 73 -3.67 14.75 -5.81
N GLY B 74 -3.56 13.48 -5.42
CA GLY B 74 -2.26 12.84 -5.23
C GLY B 74 -1.72 12.81 -3.83
N ASP B 75 -2.42 13.51 -2.93
CA ASP B 75 -2.11 13.43 -1.50
C ASP B 75 -2.59 12.08 -0.99
N ALA B 76 -1.69 11.36 -0.34
CA ALA B 76 -2.03 10.10 0.32
C ALA B 76 -2.80 10.27 1.68
N VAL B 77 -4.00 9.68 1.78
CA VAL B 77 -4.77 9.72 3.02
C VAL B 77 -5.08 8.32 3.59
N VAL B 78 -5.28 8.25 4.93
CA VAL B 78 -5.91 7.13 5.68
C VAL B 78 -7.35 7.52 5.95
N VAL B 79 -8.28 6.63 5.65
CA VAL B 79 -9.67 6.80 6.02
C VAL B 79 -10.09 5.67 6.97
N GLU B 80 -10.75 6.06 8.08
CA GLU B 80 -11.44 5.12 8.92
C GLU B 80 -12.89 5.46 8.80
N GLY B 81 -13.75 4.48 8.51
CA GLY B 81 -15.10 4.84 8.09
C GLY B 81 -16.03 3.63 8.09
N THR B 82 -17.19 3.78 7.44
CA THR B 82 -18.17 2.78 7.44
C THR B 82 -18.78 2.79 6.05
N LEU B 83 -19.61 1.79 5.78
CA LEU B 83 -20.38 1.75 4.57
C LEU B 83 -21.75 2.37 4.84
N GLU B 84 -22.11 3.33 4.01
CA GLU B 84 -23.31 4.10 4.18
C GLU B 84 -24.20 3.79 3.01
N TYR B 85 -25.34 3.16 3.29
CA TYR B 85 -26.30 2.84 2.26
C TYR B 85 -27.34 3.96 2.10
N ARG B 86 -27.43 4.60 0.93
CA ARG B 86 -28.43 5.66 0.67
C ARG B 86 -29.52 5.15 -0.25
N GLN B 87 -30.75 5.55 0.00
CA GLN B 87 -31.85 5.20 -0.87
C GLN B 87 -32.58 6.48 -1.29
N TRP B 88 -33.07 6.53 -2.54
CA TRP B 88 -33.78 7.73 -3.01
C TRP B 88 -34.66 7.50 -4.20
N GLU B 89 -35.50 8.47 -4.54
CA GLU B 89 -36.36 8.43 -5.74
C GLU B 89 -35.68 9.17 -6.87
N ALA B 90 -35.47 8.52 -8.02
CA ALA B 90 -34.94 9.22 -9.22
C ALA B 90 -35.94 10.25 -9.85
N PRO B 91 -35.42 11.35 -10.42
CA PRO B 91 -36.26 12.32 -11.16
C PRO B 91 -37.13 11.67 -12.24
N GLU B 92 -36.65 10.54 -12.80
CA GLU B 92 -37.39 9.74 -13.79
C GLU B 92 -38.40 8.76 -13.17
N GLY B 93 -38.53 8.76 -11.85
CA GLY B 93 -39.32 7.73 -11.15
C GLY B 93 -38.53 6.48 -10.75
N GLY B 94 -38.93 5.86 -9.64
CA GLY B 94 -38.33 4.60 -9.21
C GLY B 94 -37.22 4.69 -8.16
N LYS B 95 -37.04 3.61 -7.41
CA LYS B 95 -36.02 3.60 -6.36
C LYS B 95 -34.64 3.36 -6.92
N ARG B 96 -33.70 4.14 -6.44
CA ARG B 96 -32.29 3.89 -6.63
C ARG B 96 -31.73 3.67 -5.23
N SER B 97 -30.56 3.06 -5.11
CA SER B 97 -29.90 2.98 -3.84
C SER B 97 -28.44 2.85 -4.13
N ALA B 98 -27.58 3.22 -3.19
CA ALA B 98 -26.13 3.00 -3.38
C ALA B 98 -25.46 2.76 -2.03
N VAL B 99 -24.19 2.41 -2.02
CA VAL B 99 -23.44 2.24 -0.82
C VAL B 99 -22.19 3.06 -1.07
N ASN B 100 -21.84 3.98 -0.16
CA ASN B 100 -20.54 4.66 -0.26
C ASN B 100 -19.82 4.65 1.06
N VAL B 101 -18.54 4.96 1.06
CA VAL B 101 -17.74 5.11 2.27
C VAL B 101 -18.09 6.44 2.95
N LYS B 102 -18.48 6.37 4.21
CA LYS B 102 -18.61 7.54 5.09
C LYS B 102 -17.44 7.50 6.00
N ALA B 103 -16.60 8.52 5.96
CA ALA B 103 -15.43 8.55 6.79
C ALA B 103 -15.85 9.07 8.21
N LEU B 104 -15.16 8.60 9.27
CA LEU B 104 -15.33 9.07 10.65
C LEU B 104 -14.02 9.79 10.96
N ARG B 105 -12.91 9.31 10.45
CA ARG B 105 -11.84 10.20 10.28
C ARG B 105 -10.98 10.00 9.05
N MET B 106 -10.29 11.08 8.72
CA MET B 106 -9.32 11.08 7.67
C MET B 106 -8.08 11.80 8.17
N GLU B 107 -6.96 11.13 8.08
CA GLU B 107 -5.67 11.74 8.30
C GLU B 107 -4.82 11.69 7.03
N GLN B 108 -3.67 12.34 7.05
CA GLN B 108 -2.84 12.49 5.89
C GLN B 108 -1.49 11.85 6.13
N LEU B 109 -0.94 11.24 5.08
CA LEU B 109 0.32 10.52 5.20
C LEU B 109 1.48 11.51 5.14
N GLY B 110 2.64 11.14 5.70
CA GLY B 110 3.85 11.95 5.62
C GLY B 110 4.62 11.66 4.35
N THR B 111 4.94 10.39 4.15
CA THR B 111 5.37 9.81 2.87
C THR B 111 4.57 10.32 1.65
N GLN B 112 5.28 10.62 0.56
CA GLN B 112 4.63 10.82 -0.73
C GLN B 112 4.73 9.49 -1.49
N PRO B 113 3.59 8.84 -1.77
CA PRO B 113 3.69 7.52 -2.35
C PRO B 113 3.79 7.67 -3.89
N GLU B 114 4.17 6.60 -4.58
CA GLU B 114 4.08 6.62 -6.04
C GLU B 114 2.63 6.64 -6.49
N LEU B 115 2.37 7.39 -7.54
CA LEU B 115 1.06 7.55 -8.11
C LEU B 115 1.00 6.98 -9.54
N ILE B 116 -0.05 6.23 -9.78
CA ILE B 116 -0.34 5.59 -11.00
C ILE B 116 -1.43 6.33 -11.72
N GLN B 117 -1.10 6.84 -12.91
CA GLN B 117 -2.03 7.62 -13.68
C GLN B 117 -2.94 6.72 -14.45
N ASP B 118 -4.24 6.95 -14.33
CA ASP B 118 -5.28 6.28 -15.14
C ASP B 118 -5.65 7.04 -16.43
N ALA B 119 -6.38 6.36 -17.32
CA ALA B 119 -6.77 6.91 -18.63
C ALA B 119 -7.51 8.26 -18.52
N GLY B 120 -8.53 8.33 -17.67
CA GLY B 120 -9.16 9.61 -17.27
C GLY B 120 -8.25 10.69 -16.67
N GLY B 121 -6.95 10.42 -16.53
CA GLY B 121 -6.04 11.40 -15.89
C GLY B 121 -6.16 11.56 -14.37
N GLY B 122 -6.98 10.73 -13.72
CA GLY B 122 -6.92 10.59 -12.26
C GLY B 122 -5.64 9.87 -11.81
N VAL B 123 -5.36 9.93 -10.52
CA VAL B 123 -4.28 9.16 -9.91
C VAL B 123 -4.76 8.11 -8.89
N ARG B 124 -3.88 7.16 -8.56
CA ARG B 124 -4.13 6.17 -7.53
C ARG B 124 -2.80 5.78 -6.97
N MET B 125 -2.84 5.37 -5.70
CA MET B 125 -1.63 5.04 -4.96
C MET B 125 -1.33 3.55 -5.13
N SER B 126 -0.05 3.24 -5.33
CA SER B 126 0.38 1.84 -5.33
C SER B 126 0.76 1.49 -3.93
N GLY B 127 0.40 0.28 -3.54
CA GLY B 127 0.78 -0.21 -2.26
C GLY B 127 -0.26 0.26 -1.25
N ALA B 128 -1.49 0.48 -1.74
CA ALA B 128 -2.62 0.98 -1.00
C ALA B 128 -3.09 -0.05 0.03
N MET B 129 -4.19 0.26 0.72
CA MET B 129 -4.74 -0.68 1.68
C MET B 129 -6.21 -0.51 1.64
N ASN B 130 -6.95 -1.61 1.69
CA ASN B 130 -8.38 -1.55 1.58
C ASN B 130 -8.91 -2.68 2.45
N GLU B 131 -9.61 -2.35 3.52
CA GLU B 131 -10.12 -3.42 4.35
C GLU B 131 -11.49 -3.15 4.96
N VAL B 132 -12.32 -4.18 4.97
CA VAL B 132 -13.68 -4.04 5.39
C VAL B 132 -14.00 -5.14 6.39
N LEU B 133 -14.72 -4.80 7.45
CA LEU B 133 -15.25 -5.75 8.43
C LEU B 133 -16.68 -5.38 8.71
N VAL B 134 -17.62 -6.23 8.33
CA VAL B 134 -18.99 -5.92 8.65
C VAL B 134 -19.68 -7.10 9.30
N LEU B 135 -20.70 -6.79 10.08
CA LEU B 135 -21.44 -7.80 10.79
C LEU B 135 -22.88 -7.41 10.68
N GLY B 136 -23.75 -8.37 10.32
CA GLY B 136 -25.18 -8.12 10.16
C GLY B 136 -25.86 -9.41 9.81
N ASN B 137 -27.10 -9.30 9.35
CA ASN B 137 -27.97 -10.46 9.16
C ASN B 137 -28.34 -10.66 7.69
N VAL B 138 -28.28 -11.92 7.24
CA VAL B 138 -28.62 -12.24 5.87
C VAL B 138 -30.06 -11.78 5.62
N THR B 139 -30.29 -11.10 4.50
CA THR B 139 -31.58 -10.52 4.22
C THR B 139 -32.48 -11.42 3.40
N ARG B 140 -31.87 -12.35 2.65
CA ARG B 140 -32.57 -13.35 1.82
C ARG B 140 -31.70 -14.60 1.59
N ASP B 141 -32.34 -15.74 1.35
CA ASP B 141 -31.62 -16.95 0.92
C ASP B 141 -30.72 -16.64 -0.29
N PRO B 142 -29.42 -16.91 -0.17
CA PRO B 142 -28.53 -16.74 -1.31
C PRO B 142 -28.56 -18.01 -2.17
N GLU B 143 -28.41 -17.90 -3.48
CA GLU B 143 -28.18 -19.13 -4.24
C GLU B 143 -26.83 -19.16 -4.90
N ILE B 144 -26.15 -20.29 -4.78
CA ILE B 144 -24.86 -20.48 -5.46
C ILE B 144 -24.94 -20.54 -7.00
N ARG B 145 -24.05 -19.80 -7.65
CA ARG B 145 -24.03 -19.66 -9.08
C ARG B 145 -22.62 -20.01 -9.48
N TYR B 146 -22.35 -20.19 -10.79
CA TYR B 146 -21.01 -20.53 -11.32
C TYR B 146 -20.65 -19.70 -12.56
N THR B 147 -19.38 -19.41 -12.78
CA THR B 147 -18.98 -18.58 -13.91
C THR B 147 -18.78 -19.43 -15.17
N PRO B 148 -18.89 -18.80 -16.36
CA PRO B 148 -18.47 -19.54 -17.53
C PRO B 148 -17.22 -20.43 -17.31
N ALA B 149 -16.28 -19.99 -16.49
CA ALA B 149 -15.05 -20.73 -16.33
C ALA B 149 -15.18 -21.78 -15.25
N GLY B 150 -16.35 -21.84 -14.63
CA GLY B 150 -16.56 -22.84 -13.58
C GLY B 150 -16.35 -22.50 -12.11
N ASP B 151 -15.93 -21.26 -11.79
CA ASP B 151 -15.77 -20.82 -10.38
C ASP B 151 -17.11 -20.61 -9.70
N ALA B 152 -17.24 -21.16 -8.47
CA ALA B 152 -18.37 -20.89 -7.57
C ALA B 152 -18.41 -19.41 -7.15
N VAL B 153 -19.61 -18.84 -7.12
CA VAL B 153 -19.76 -17.46 -6.69
C VAL B 153 -21.07 -17.29 -5.92
N LEU B 154 -20.98 -16.63 -4.77
CA LEU B 154 -22.18 -16.43 -3.95
C LEU B 154 -22.36 -14.96 -3.58
N SER B 155 -23.51 -14.45 -3.97
CA SER B 155 -23.88 -13.09 -3.66
C SER B 155 -24.63 -13.10 -2.38
N LEU B 156 -24.06 -12.43 -1.39
CA LEU B 156 -24.64 -12.44 -0.10
C LEU B 156 -25.15 -11.04 0.23
N SER B 157 -26.35 -10.98 0.82
CA SER B 157 -26.97 -9.73 1.13
C SER B 157 -27.22 -9.63 2.62
N ILE B 158 -26.70 -8.57 3.22
CA ILE B 158 -26.80 -8.42 4.65
C ILE B 158 -27.37 -7.06 5.02
N ALA B 159 -28.10 -7.05 6.12
CA ALA B 159 -28.58 -5.83 6.72
C ALA B 159 -27.70 -5.56 7.93
N VAL B 160 -27.11 -4.35 7.98
CA VAL B 160 -26.35 -3.88 9.13
C VAL B 160 -27.14 -2.80 9.86
N ASN B 161 -27.47 -3.02 11.14
CA ASN B 161 -28.30 -2.02 11.87
C ASN B 161 -27.48 -0.97 12.59
N GLU B 162 -27.84 0.29 12.41
CA GLU B 162 -27.18 1.38 13.11
C GLU B 162 -28.10 2.16 14.09
N ASN B 163 -27.65 2.26 15.34
CA ASN B 163 -28.24 3.17 16.38
C ASN B 163 -27.43 4.41 16.69
N TYR B 164 -28.08 5.56 16.76
CA TYR B 164 -27.39 6.76 17.22
C TYR B 164 -28.35 7.72 17.94
N GLN B 165 -27.78 8.67 18.68
CA GLN B 165 -28.56 9.76 19.24
C GLN B 165 -28.25 11.01 18.45
N ASP B 166 -29.28 11.67 17.90
CA ASP B 166 -29.08 12.98 17.29
C ASP B 166 -28.80 14.03 18.38
N ARG B 167 -28.51 15.26 17.99
CA ARG B 167 -28.12 16.33 18.94
C ARG B 167 -29.23 16.74 19.92
N GLN B 168 -30.27 15.90 20.04
CA GLN B 168 -31.47 16.22 20.80
C GLN B 168 -31.92 15.05 21.73
N GLY B 169 -31.13 13.98 21.80
CA GLY B 169 -31.41 12.85 22.69
C GLY B 169 -32.28 11.72 22.13
N GLN B 170 -32.96 11.95 21.02
CA GLN B 170 -33.70 10.88 20.32
C GLN B 170 -32.80 9.73 19.83
N ARG B 171 -33.16 8.49 20.18
CA ARG B 171 -32.50 7.31 19.61
C ARG B 171 -33.04 7.07 18.19
N GLN B 172 -32.14 7.03 17.21
CA GLN B 172 -32.54 6.83 15.81
C GLN B 172 -31.99 5.52 15.24
N GLU B 173 -32.73 4.92 14.32
CA GLU B 173 -32.34 3.64 13.73
C GLU B 173 -32.17 3.73 12.22
N LYS B 174 -30.99 3.37 11.73
CA LYS B 174 -30.77 3.22 10.28
C LYS B 174 -30.41 1.76 10.00
N VAL B 175 -30.77 1.27 8.81
CA VAL B 175 -30.30 -0.04 8.35
C VAL B 175 -29.52 0.11 7.06
N HIS B 176 -28.42 -0.61 6.96
CA HIS B 176 -27.56 -0.51 5.79
C HIS B 176 -27.59 -1.83 5.08
N TYR B 177 -27.96 -1.85 3.80
CA TYR B 177 -28.01 -3.12 3.05
C TYR B 177 -26.75 -3.23 2.27
N ILE B 178 -25.94 -4.20 2.66
CA ILE B 178 -24.62 -4.33 2.09
C ILE B 178 -24.56 -5.61 1.29
N ASP B 179 -23.92 -5.57 0.13
CA ASP B 179 -23.72 -6.78 -0.68
C ASP B 179 -22.31 -7.30 -0.60
N ALA B 180 -22.18 -8.62 -0.48
CA ALA B 180 -20.88 -9.28 -0.52
C ALA B 180 -20.79 -10.35 -1.64
N THR B 181 -19.60 -10.55 -2.17
CA THR B 181 -19.37 -11.54 -3.17
C THR B 181 -18.41 -12.53 -2.53
N LEU B 182 -18.82 -13.80 -2.44
CA LEU B 182 -17.95 -14.90 -2.02
C LEU B 182 -17.59 -15.79 -3.25
N TRP B 183 -16.30 -16.04 -3.42
CA TRP B 183 -15.73 -16.84 -4.51
C TRP B 183 -15.25 -18.18 -4.07
N ARG B 184 -15.42 -19.18 -4.93
CA ARG B 184 -14.72 -20.45 -4.80
C ARG B 184 -15.05 -21.20 -3.52
N ASP B 185 -14.04 -21.58 -2.77
CA ASP B 185 -14.30 -22.40 -1.60
C ASP B 185 -15.19 -21.68 -0.54
N LEU B 186 -15.05 -20.35 -0.43
CA LEU B 186 -15.87 -19.55 0.47
C LEU B 186 -17.33 -19.62 0.09
N ALA B 187 -17.61 -19.53 -1.20
CA ALA B 187 -18.98 -19.67 -1.68
C ALA B 187 -19.49 -21.06 -1.32
N GLU B 188 -18.70 -22.11 -1.60
CA GLU B 188 -19.12 -23.50 -1.31
C GLU B 188 -19.43 -23.62 0.18
N ASN B 189 -18.46 -23.25 1.02
CA ASN B 189 -18.63 -23.24 2.47
C ASN B 189 -19.87 -22.55 3.02
N MET B 190 -20.26 -21.43 2.44
CA MET B 190 -21.32 -20.57 3.02
C MET B 190 -22.64 -20.64 2.29
N LYS B 191 -22.75 -21.59 1.37
CA LYS B 191 -23.96 -21.78 0.54
C LYS B 191 -25.22 -22.16 1.33
N GLU B 192 -25.04 -22.62 2.56
CA GLU B 192 -26.15 -22.97 3.44
C GLU B 192 -26.80 -21.82 4.27
N LEU B 193 -26.21 -20.62 4.31
CA LEU B 193 -26.79 -19.49 5.08
C LEU B 193 -28.20 -19.23 4.62
N ARG B 194 -29.08 -18.82 5.54
CA ARG B 194 -30.48 -18.55 5.22
C ARG B 194 -30.84 -17.15 5.71
N LYS B 195 -31.92 -16.62 5.16
CA LYS B 195 -32.49 -15.34 5.57
C LYS B 195 -32.53 -15.23 7.12
N GLY B 196 -31.86 -14.22 7.66
CA GLY B 196 -31.86 -13.97 9.09
C GLY B 196 -30.61 -14.40 9.83
N ASP B 197 -29.75 -15.16 9.16
CA ASP B 197 -28.53 -15.70 9.78
C ASP B 197 -27.54 -14.60 10.15
N PRO B 198 -27.11 -14.56 11.41
CA PRO B 198 -26.13 -13.52 11.67
C PRO B 198 -24.77 -13.92 11.12
N VAL B 199 -24.10 -12.99 10.48
CA VAL B 199 -22.85 -13.31 9.80
C VAL B 199 -21.83 -12.17 9.96
N MET B 200 -20.57 -12.55 10.03
CA MET B 200 -19.47 -11.61 9.97
C MET B 200 -18.62 -11.85 8.69
N ILE B 201 -18.35 -10.77 7.95
CA ILE B 201 -17.61 -10.78 6.66
C ILE B 201 -16.39 -9.85 6.73
N MET B 202 -15.19 -10.35 6.50
CA MET B 202 -14.05 -9.47 6.16
C MET B 202 -13.72 -9.55 4.67
N GLY B 203 -13.03 -8.55 4.17
CA GLY B 203 -12.82 -8.45 2.78
C GLY B 203 -12.31 -7.11 2.33
N ARG B 204 -12.47 -6.85 1.03
CA ARG B 204 -11.98 -5.66 0.40
C ARG B 204 -13.22 -5.07 -0.17
N LEU B 205 -13.21 -3.75 -0.25
CA LEU B 205 -14.33 -3.04 -0.85
C LEU B 205 -13.99 -2.79 -2.34
N VAL B 206 -14.95 -3.02 -3.20
CA VAL B 206 -14.60 -3.20 -4.59
C VAL B 206 -15.57 -2.39 -5.44
N ASN B 207 -15.03 -1.83 -6.54
CA ASN B 207 -15.74 -1.02 -7.58
C ASN B 207 -15.67 0.52 -7.41
N ARG B 218 -25.67 1.30 -12.53
CA ARG B 218 -25.00 0.23 -13.27
C ARG B 218 -23.73 -0.29 -12.58
N ASN B 219 -22.94 0.61 -11.99
CA ASN B 219 -21.78 0.21 -11.18
C ASN B 219 -21.92 0.40 -9.65
N SER B 220 -21.69 -0.72 -8.95
CA SER B 220 -22.07 -0.97 -7.57
C SER B 220 -20.86 -1.16 -6.67
N THR B 221 -20.95 -0.68 -5.42
CA THR B 221 -19.95 -0.98 -4.39
C THR B 221 -20.20 -2.35 -3.74
N ARG B 222 -19.20 -3.20 -3.66
CA ARG B 222 -19.43 -4.50 -3.00
C ARG B 222 -18.22 -4.77 -2.16
N VAL B 223 -18.40 -5.67 -1.19
CA VAL B 223 -17.33 -6.25 -0.43
C VAL B 223 -16.99 -7.56 -1.09
N GLU B 224 -15.73 -7.74 -1.37
CA GLU B 224 -15.31 -9.00 -1.88
C GLU B 224 -14.64 -9.76 -0.74
N ALA B 225 -15.34 -10.79 -0.28
CA ALA B 225 -15.00 -11.48 0.96
C ALA B 225 -13.67 -12.22 0.91
N THR B 226 -12.90 -12.18 1.98
CA THR B 226 -11.72 -13.01 2.04
C THR B 226 -11.94 -13.94 3.20
N ARG B 227 -12.86 -13.60 4.10
CA ARG B 227 -13.17 -14.47 5.23
C ARG B 227 -14.61 -14.28 5.72
N VAL B 228 -15.36 -15.36 5.93
CA VAL B 228 -16.74 -15.31 6.37
C VAL B 228 -17.00 -16.24 7.58
N GLU B 229 -17.54 -15.70 8.67
CA GLU B 229 -17.87 -16.51 9.86
C GLU B 229 -19.37 -16.46 10.10
N ALA B 230 -20.06 -17.60 9.98
CA ALA B 230 -21.48 -17.69 10.35
C ALA B 230 -21.45 -17.53 11.85
N LEU B 231 -22.39 -16.80 12.43
CA LEU B 231 -22.39 -16.65 13.91
C LEU B 231 -23.59 -17.37 14.51
N ALA B 232 -23.51 -17.67 15.82
CA ALA B 232 -24.56 -18.44 16.50
C ALA B 232 -25.91 -17.73 16.45
N ARG B 233 -26.95 -18.47 16.07
CA ARG B 233 -28.28 -17.89 15.91
C ARG B 233 -29.05 -17.96 17.21
N ARG C 3 -7.76 11.98 18.67
CA ARG C 3 -6.43 11.69 18.07
C ARG C 3 -6.12 10.18 17.96
N GLY C 4 -6.24 9.45 19.06
CA GLY C 4 -5.81 8.07 19.04
C GLY C 4 -6.81 7.18 18.30
N MET C 5 -6.34 6.08 17.78
CA MET C 5 -7.30 5.12 17.22
C MET C 5 -6.86 3.80 17.78
N ASN C 6 -7.79 2.92 18.10
CA ASN C 6 -7.41 1.73 18.89
C ASN C 6 -8.30 0.59 18.59
N HIS C 7 -7.92 -0.30 17.66
CA HIS C 7 -8.81 -1.41 17.37
C HIS C 7 -8.17 -2.77 17.40
N VAL C 8 -8.93 -3.80 17.75
CA VAL C 8 -8.39 -5.13 17.82
C VAL C 8 -9.53 -6.03 17.45
N TYR C 9 -9.25 -7.00 16.59
CA TYR C 9 -10.26 -7.95 16.14
C TYR C 9 -9.63 -9.29 16.37
N LEU C 10 -10.39 -10.23 16.90
CA LEU C 10 -9.84 -11.52 17.23
C LEU C 10 -10.92 -12.50 16.98
N ILE C 11 -10.56 -13.59 16.30
CA ILE C 11 -11.42 -14.75 16.31
C ILE C 11 -10.61 -15.85 16.94
N GLY C 12 -11.22 -16.49 17.94
CA GLY C 12 -10.51 -17.47 18.77
C GLY C 12 -11.38 -18.39 19.59
N ALA C 13 -10.71 -19.22 20.39
CA ALA C 13 -11.38 -20.14 21.32
C ALA C 13 -11.24 -19.59 22.73
N LEU C 14 -12.30 -19.69 23.53
CA LEU C 14 -12.11 -19.53 25.00
C LEU C 14 -11.23 -20.64 25.56
N ALA C 15 -10.05 -20.26 26.06
CA ALA C 15 -9.05 -21.18 26.57
C ALA C 15 -9.57 -22.03 27.77
N ARG C 16 -10.13 -21.38 28.79
CA ARG C 16 -10.82 -22.10 29.89
C ARG C 16 -12.26 -21.62 29.98
N ASP C 17 -13.02 -22.02 31.00
CA ASP C 17 -14.33 -21.40 31.26
C ASP C 17 -14.10 -19.94 31.69
N PRO C 18 -15.08 -19.06 31.43
CA PRO C 18 -14.97 -17.64 31.77
C PRO C 18 -15.54 -17.27 33.15
N GLU C 19 -15.04 -16.17 33.72
CA GLU C 19 -15.49 -15.68 35.02
C GLU C 19 -16.18 -14.29 35.02
N LEU C 20 -17.32 -14.22 35.73
CA LEU C 20 -17.92 -12.97 36.19
C LEU C 20 -17.39 -12.53 37.58
N ARG C 21 -17.03 -11.26 37.74
CA ARG C 21 -16.69 -10.71 39.03
C ARG C 21 -17.25 -9.28 39.14
N TYR C 22 -17.11 -8.64 40.31
CA TYR C 22 -17.71 -7.33 40.52
C TYR C 22 -16.74 -6.47 41.29
N THR C 23 -16.61 -5.21 40.89
CA THR C 23 -15.72 -4.27 41.57
C THR C 23 -16.34 -3.87 42.90
N GLY C 24 -15.60 -3.06 43.67
CA GLY C 24 -16.06 -2.59 44.98
C GLY C 24 -17.32 -1.76 44.88
N ASN C 25 -17.51 -1.12 43.74
CA ASN C 25 -18.61 -0.21 43.53
C ASN C 25 -19.74 -0.90 42.69
N GLY C 26 -19.62 -2.22 42.54
CA GLY C 26 -20.64 -3.06 41.91
C GLY C 26 -20.60 -3.30 40.40
N MET C 27 -19.56 -2.80 39.71
CA MET C 27 -19.48 -2.89 38.25
C MET C 27 -19.12 -4.29 37.82
N ALA C 28 -19.91 -4.81 36.90
CA ALA C 28 -19.70 -6.15 36.41
C ALA C 28 -18.45 -6.22 35.51
N VAL C 29 -17.78 -7.36 35.53
CA VAL C 29 -16.57 -7.59 34.78
C VAL C 29 -16.55 -9.03 34.34
N PHE C 30 -16.59 -9.21 33.03
CA PHE C 30 -16.51 -10.51 32.44
C PHE C 30 -15.07 -10.70 31.98
N GLU C 31 -14.49 -11.86 32.24
CA GLU C 31 -13.12 -12.12 31.83
C GLU C 31 -13.13 -13.45 31.11
N ALA C 32 -12.20 -13.58 30.18
CA ALA C 32 -12.10 -14.77 29.33
C ALA C 32 -10.72 -14.76 28.72
N THR C 33 -10.17 -15.93 28.49
CA THR C 33 -8.91 -16.00 27.78
C THR C 33 -9.25 -16.48 26.39
N VAL C 34 -9.04 -15.61 25.40
CA VAL C 34 -9.23 -16.01 24.03
C VAL C 34 -7.88 -16.41 23.45
N ALA C 35 -7.89 -17.53 22.75
CA ALA C 35 -6.65 -18.09 22.29
C ALA C 35 -6.83 -18.65 20.90
N GLY C 36 -5.74 -18.59 20.15
CA GLY C 36 -5.73 -19.11 18.80
C GLY C 36 -4.33 -19.26 18.25
N GLU C 37 -4.26 -19.90 17.09
CA GLU C 37 -3.06 -19.80 16.24
C GLU C 37 -3.41 -19.36 14.84
N ASP C 38 -2.61 -18.42 14.37
CA ASP C 38 -2.79 -17.77 13.11
C ASP C 38 -1.91 -18.40 12.05
N ARG C 39 -2.52 -18.80 10.94
CA ARG C 39 -1.76 -19.26 9.77
C ARG C 39 -1.12 -18.06 9.07
N VAL C 40 0.17 -17.84 9.36
CA VAL C 40 0.90 -16.68 8.81
C VAL C 40 1.70 -17.05 7.55
N ILE C 41 1.44 -16.29 6.48
CA ILE C 41 1.96 -16.55 5.15
C ILE C 41 3.21 -15.71 4.81
N ARG C 46 7.57 -21.44 4.65
CA ARG C 46 6.81 -20.22 4.39
C ARG C 46 5.47 -20.17 5.17
N GLU C 47 4.94 -21.34 5.52
CA GLU C 47 3.63 -21.47 6.20
C GLU C 47 3.73 -21.83 7.70
N ARG C 48 3.70 -20.80 8.56
CA ARG C 48 3.86 -20.99 10.02
C ARG C 48 2.67 -20.57 10.88
N ASN C 49 2.54 -21.23 12.04
CA ASN C 49 1.48 -20.97 13.01
C ASN C 49 1.93 -20.12 14.19
N LEU C 50 1.41 -18.90 14.29
CA LEU C 50 1.69 -18.06 15.44
C LEU C 50 0.54 -18.12 16.47
N PRO C 51 0.83 -18.69 17.65
CA PRO C 51 -0.15 -18.85 18.72
C PRO C 51 -0.22 -17.62 19.64
N TRP C 52 -1.38 -17.37 20.26
CA TRP C 52 -1.53 -16.21 21.14
C TRP C 52 -2.57 -16.49 22.15
N TYR C 53 -2.41 -15.89 23.33
CA TYR C 53 -3.34 -16.05 24.44
C TYR C 53 -3.61 -14.68 24.95
N HIS C 54 -4.87 -14.26 24.93
CA HIS C 54 -5.14 -12.94 25.46
C HIS C 54 -6.29 -12.89 26.38
N ARG C 55 -6.11 -12.12 27.44
CA ARG C 55 -7.18 -11.81 28.39
C ARG C 55 -8.10 -10.73 27.84
N VAL C 56 -9.38 -11.00 27.96
CA VAL C 56 -10.38 -10.14 27.42
C VAL C 56 -11.44 -9.84 28.50
N SER C 57 -11.67 -8.55 28.76
CA SER C 57 -12.61 -8.06 29.75
C SER C 57 -13.75 -7.33 29.08
N ILE C 58 -14.98 -7.68 29.40
CA ILE C 58 -16.12 -6.81 29.11
C ILE C 58 -16.63 -6.15 30.40
N LEU C 59 -16.89 -4.85 30.32
CA LEU C 59 -17.32 -4.09 31.48
C LEU C 59 -18.81 -3.78 31.43
N GLY C 60 -19.39 -3.56 32.62
CA GLY C 60 -20.73 -3.01 32.79
C GLY C 60 -21.85 -3.94 32.40
N LYS C 61 -22.95 -3.36 31.95
CA LYS C 61 -24.16 -4.14 31.67
C LYS C 61 -23.89 -5.25 30.68
N PRO C 62 -23.00 -5.00 29.70
CA PRO C 62 -22.73 -6.10 28.75
C PRO C 62 -21.99 -7.29 29.37
N ALA C 63 -21.13 -7.01 30.35
CA ALA C 63 -20.51 -8.07 31.16
C ALA C 63 -21.59 -9.04 31.62
N GLU C 64 -22.72 -8.52 32.08
CA GLU C 64 -23.80 -9.43 32.45
C GLU C 64 -24.44 -10.18 31.32
N TRP C 65 -24.71 -9.50 30.20
CA TRP C 65 -25.21 -10.19 29.00
C TRP C 65 -24.36 -11.37 28.59
N GLN C 66 -23.04 -11.22 28.73
CA GLN C 66 -22.11 -12.25 28.31
C GLN C 66 -22.07 -13.50 29.24
N ALA C 67 -22.09 -13.27 30.55
CA ALA C 67 -22.25 -14.33 31.54
C ALA C 67 -23.55 -15.06 31.28
N GLU C 68 -24.62 -14.30 31.08
CA GLU C 68 -25.93 -14.84 30.77
C GLU C 68 -25.96 -15.81 29.59
N ARG C 69 -24.91 -15.79 28.76
CA ARG C 69 -24.82 -16.67 27.61
C ARG C 69 -24.19 -18.01 27.97
N ASN C 70 -23.69 -18.11 29.20
CA ASN C 70 -23.22 -19.38 29.71
C ASN C 70 -22.27 -20.02 28.71
N LEU C 71 -21.25 -19.26 28.30
CA LEU C 71 -20.21 -19.76 27.40
C LEU C 71 -19.15 -20.48 28.21
N LYS C 72 -18.55 -21.49 27.58
CA LYS C 72 -17.61 -22.40 28.22
C LYS C 72 -16.32 -22.45 27.42
N GLY C 73 -15.27 -22.99 28.03
CA GLY C 73 -14.02 -23.30 27.34
C GLY C 73 -14.25 -24.02 26.02
N GLY C 74 -13.43 -23.68 25.02
CA GLY C 74 -13.51 -24.32 23.71
C GLY C 74 -14.60 -23.78 22.79
N ASP C 75 -15.38 -22.81 23.28
CA ASP C 75 -16.28 -22.11 22.38
C ASP C 75 -15.52 -21.06 21.62
N ALA C 76 -15.96 -20.87 20.38
CA ALA C 76 -15.24 -20.01 19.45
C ALA C 76 -15.95 -18.66 19.43
N VAL C 77 -15.19 -17.60 19.66
CA VAL C 77 -15.79 -16.27 19.68
C VAL C 77 -15.11 -15.30 18.75
N VAL C 78 -15.90 -14.32 18.31
CA VAL C 78 -15.34 -13.15 17.67
C VAL C 78 -15.39 -11.99 18.64
N VAL C 79 -14.23 -11.37 18.82
CA VAL C 79 -14.10 -10.20 19.64
C VAL C 79 -13.80 -8.93 18.81
N GLU C 80 -14.56 -7.87 19.03
CA GLU C 80 -14.10 -6.54 18.65
C GLU C 80 -13.86 -5.72 19.93
N GLY C 81 -12.66 -5.15 20.08
CA GLY C 81 -12.39 -4.27 21.14
C GLY C 81 -11.23 -3.31 20.94
N THR C 82 -10.57 -2.96 22.05
CA THR C 82 -9.44 -2.05 22.03
C THR C 82 -8.33 -2.54 22.89
N LEU C 83 -7.17 -1.91 22.80
CA LEU C 83 -6.05 -2.20 23.66
C LEU C 83 -6.12 -1.27 24.89
N GLU C 84 -6.06 -1.89 26.07
CA GLU C 84 -6.22 -1.17 27.34
C GLU C 84 -4.95 -1.27 28.20
N TYR C 85 -4.33 -0.12 28.42
CA TYR C 85 -3.15 -0.01 29.24
C TYR C 85 -3.59 0.35 30.67
N ARG C 86 -3.17 -0.44 31.65
CA ARG C 86 -3.39 -0.07 33.04
C ARG C 86 -2.08 -0.12 33.79
N GLN C 87 -1.89 0.92 34.62
CA GLN C 87 -0.79 0.99 35.57
C GLN C 87 -1.28 0.90 37.02
N TRP C 88 -0.67 0.01 37.80
CA TRP C 88 -0.97 -0.11 39.24
C TRP C 88 0.25 -0.34 40.15
N GLU C 89 -0.02 -0.39 41.45
CA GLU C 89 0.97 -0.83 42.43
C GLU C 89 0.61 -2.22 42.93
N ALA C 90 1.58 -3.13 42.91
CA ALA C 90 1.35 -4.53 43.25
C ALA C 90 1.33 -4.77 44.80
N PRO C 91 0.56 -5.76 45.30
CA PRO C 91 0.52 -6.05 46.76
C PRO C 91 1.90 -6.28 47.38
N GLU C 92 2.80 -6.90 46.63
CA GLU C 92 4.19 -7.08 47.03
C GLU C 92 5.04 -5.84 46.99
N GLY C 93 4.44 -4.72 46.59
CA GLY C 93 5.20 -3.49 46.39
C GLY C 93 5.72 -3.42 44.96
N GLY C 94 5.73 -2.21 44.37
CA GLY C 94 6.26 -2.01 43.00
C GLY C 94 5.22 -1.68 41.92
N LYS C 95 5.55 -0.75 41.01
CA LYS C 95 4.66 -0.38 39.88
C LYS C 95 4.55 -1.53 38.87
N ARG C 96 3.33 -1.80 38.44
CA ARG C 96 3.12 -2.76 37.39
C ARG C 96 2.36 -2.06 36.24
N SER C 97 2.49 -2.59 35.04
CA SER C 97 1.71 -2.10 33.91
C SER C 97 1.48 -3.25 32.98
N ALA C 98 0.35 -3.21 32.28
CA ALA C 98 -0.02 -4.27 31.38
C ALA C 98 -0.86 -3.63 30.30
N VAL C 99 -0.73 -4.16 29.09
CA VAL C 99 -1.74 -3.91 28.09
C VAL C 99 -2.57 -5.15 27.92
N ASN C 100 -3.88 -5.00 27.88
CA ASN C 100 -4.73 -6.12 27.61
C ASN C 100 -5.87 -5.67 26.71
N VAL C 101 -6.81 -6.58 26.48
CA VAL C 101 -7.83 -6.37 25.51
C VAL C 101 -9.18 -6.19 26.14
N LYS C 102 -9.72 -4.98 26.01
CA LYS C 102 -11.04 -4.71 26.44
C LYS C 102 -11.99 -4.83 25.28
N ALA C 103 -12.96 -5.71 25.40
CA ALA C 103 -13.89 -5.97 24.33
C ALA C 103 -15.00 -4.97 24.37
N LEU C 104 -15.45 -4.56 23.18
CA LEU C 104 -16.64 -3.78 22.99
C LEU C 104 -17.79 -4.64 22.51
N ARG C 105 -17.50 -5.84 21.99
CA ARG C 105 -18.50 -6.90 21.78
C ARG C 105 -17.89 -8.28 21.65
N MET C 106 -18.71 -9.29 21.87
CA MET C 106 -18.27 -10.65 21.76
C MET C 106 -19.41 -11.50 21.24
N GLU C 107 -19.18 -12.16 20.14
CA GLU C 107 -20.25 -12.99 19.60
C GLU C 107 -19.69 -14.40 19.42
N GLN C 108 -20.58 -15.39 19.54
CA GLN C 108 -20.19 -16.80 19.35
C GLN C 108 -20.30 -17.22 17.88
N LEU C 109 -19.31 -17.96 17.39
CA LEU C 109 -19.39 -18.53 16.04
C LEU C 109 -20.37 -19.68 16.06
N GLY C 110 -20.99 -19.93 14.92
CA GLY C 110 -21.86 -21.08 14.75
C GLY C 110 -21.16 -22.33 14.25
N THR C 111 -19.86 -22.24 13.93
CA THR C 111 -19.11 -23.45 13.53
C THR C 111 -18.20 -23.87 14.67
N GLN C 112 -18.35 -25.12 15.08
CA GLN C 112 -17.46 -25.71 16.03
C GLN C 112 -16.08 -25.68 15.40
N PRO C 113 -15.07 -25.20 16.13
CA PRO C 113 -13.76 -25.05 15.51
C PRO C 113 -12.85 -26.24 15.79
N GLU C 114 -11.66 -26.20 15.23
CA GLU C 114 -10.68 -27.23 15.48
C GLU C 114 -9.77 -26.79 16.62
N LEU C 115 -9.76 -27.56 17.69
CA LEU C 115 -9.04 -27.18 18.91
C LEU C 115 -7.69 -27.89 19.15
N ILE C 116 -6.70 -27.12 19.60
CA ILE C 116 -5.37 -27.64 19.93
C ILE C 116 -5.24 -27.47 21.43
N GLN C 117 -4.91 -28.56 22.12
CA GLN C 117 -4.73 -28.52 23.59
C GLN C 117 -3.27 -28.23 23.93
N ASP C 118 -3.02 -27.53 25.04
CA ASP C 118 -1.63 -27.27 25.44
C ASP C 118 -1.25 -27.81 26.82
N ALA C 119 -0.05 -27.45 27.26
CA ALA C 119 0.51 -27.95 28.51
C ALA C 119 -0.47 -27.77 29.68
N GLY C 120 -1.05 -26.57 29.83
CA GLY C 120 -1.97 -26.27 30.93
C GLY C 120 -3.39 -26.81 30.77
N GLY C 121 -3.60 -27.69 29.79
CA GLY C 121 -4.93 -28.22 29.50
C GLY C 121 -5.93 -27.18 29.01
N GLY C 122 -5.45 -26.02 28.59
CA GLY C 122 -6.27 -25.05 27.87
C GLY C 122 -6.25 -25.36 26.38
N VAL C 123 -7.31 -24.96 25.67
CA VAL C 123 -7.35 -25.10 24.22
C VAL C 123 -7.02 -23.79 23.46
N ARG C 124 -6.85 -23.90 22.15
CA ARG C 124 -6.70 -22.73 21.30
C ARG C 124 -7.17 -23.09 19.91
N MET C 125 -7.87 -22.15 19.29
CA MET C 125 -8.45 -22.35 17.97
C MET C 125 -7.38 -22.17 16.92
N SER C 126 -7.32 -23.14 16.01
CA SER C 126 -6.51 -22.98 14.81
C SER C 126 -7.36 -22.42 13.67
N GLY C 127 -6.70 -21.69 12.75
CA GLY C 127 -7.40 -20.99 11.69
C GLY C 127 -8.04 -19.76 12.32
N ALA C 128 -7.26 -19.14 13.21
CA ALA C 128 -7.78 -18.08 14.05
C ALA C 128 -7.62 -16.71 13.38
N MET C 129 -8.03 -15.64 14.03
CA MET C 129 -7.80 -14.33 13.47
C MET C 129 -7.34 -13.37 14.52
N ASN C 130 -6.26 -12.67 14.22
CA ASN C 130 -5.74 -11.67 15.13
C ASN C 130 -5.33 -10.43 14.35
N GLU C 131 -5.97 -9.30 14.65
CA GLU C 131 -5.67 -8.06 13.92
C GLU C 131 -5.81 -6.75 14.73
N VAL C 132 -4.74 -5.97 14.70
CA VAL C 132 -4.67 -4.77 15.42
C VAL C 132 -4.50 -3.60 14.49
N LEU C 133 -5.07 -2.47 14.91
CA LEU C 133 -4.91 -1.19 14.25
C LEU C 133 -4.85 -0.04 15.25
N VAL C 134 -3.70 0.57 15.44
CA VAL C 134 -3.61 1.67 16.35
C VAL C 134 -2.97 2.88 15.70
N LEU C 135 -3.42 4.06 16.13
CA LEU C 135 -2.92 5.32 15.69
C LEU C 135 -2.61 6.08 16.99
N GLY C 136 -1.35 6.43 17.16
CA GLY C 136 -0.93 7.31 18.22
C GLY C 136 0.38 8.02 17.96
N ASN C 137 0.86 8.74 18.96
CA ASN C 137 2.08 9.54 18.84
C ASN C 137 3.25 8.80 19.39
N VAL C 138 4.42 8.90 18.75
CA VAL C 138 5.65 8.23 19.21
C VAL C 138 6.13 8.88 20.50
N THR C 139 6.31 8.08 21.57
CA THR C 139 6.62 8.67 22.90
C THR C 139 8.10 8.97 23.12
N ARG C 140 8.98 8.12 22.60
CA ARG C 140 10.42 8.40 22.60
C ARG C 140 11.08 8.09 21.25
N ASP C 141 12.26 8.64 21.02
CA ASP C 141 13.09 8.22 19.91
C ASP C 141 13.28 6.71 19.96
N PRO C 142 13.02 6.03 18.82
CA PRO C 142 13.27 4.60 18.72
C PRO C 142 14.72 4.31 18.36
N GLU C 143 15.16 3.08 18.65
CA GLU C 143 16.55 2.71 18.40
C GLU C 143 16.67 1.46 17.56
N ILE C 144 17.30 1.60 16.40
CA ILE C 144 17.46 0.52 15.45
C ILE C 144 18.53 -0.49 15.93
N ARG C 145 18.12 -1.73 16.13
CA ARG C 145 19.01 -2.80 16.65
C ARG C 145 19.01 -3.99 15.69
N TYR C 146 19.98 -4.92 15.86
CA TYR C 146 20.12 -6.07 14.94
C TYR C 146 20.23 -7.44 15.62
N THR C 147 19.45 -8.39 15.10
CA THR C 147 19.42 -9.75 15.61
C THR C 147 20.74 -10.45 15.34
N PRO C 148 21.07 -11.49 16.15
CA PRO C 148 22.06 -12.51 15.82
C PRO C 148 22.07 -12.92 14.34
N ALA C 149 20.89 -12.96 13.73
CA ALA C 149 20.74 -13.31 12.31
C ALA C 149 21.08 -12.18 11.34
N GLY C 150 21.17 -10.95 11.85
CA GLY C 150 21.46 -9.79 11.01
C GLY C 150 20.28 -8.85 10.81
N ASP C 151 19.07 -9.39 10.92
CA ASP C 151 17.81 -8.65 10.72
C ASP C 151 17.68 -7.33 11.49
N ALA C 152 17.10 -6.32 10.85
CA ALA C 152 16.83 -5.06 11.53
C ALA C 152 15.59 -5.15 12.44
N VAL C 153 15.70 -4.60 13.65
CA VAL C 153 14.57 -4.56 14.59
C VAL C 153 14.49 -3.20 15.24
N LEU C 154 13.28 -2.67 15.32
CA LEU C 154 13.01 -1.34 15.82
C LEU C 154 11.90 -1.52 16.85
N SER C 155 12.10 -1.00 18.07
CA SER C 155 11.00 -1.00 19.05
C SER C 155 10.43 0.39 19.11
N LEU C 156 9.12 0.45 18.95
CA LEU C 156 8.43 1.72 18.89
C LEU C 156 7.46 1.76 20.05
N SER C 157 7.42 2.88 20.74
CA SER C 157 6.51 3.02 21.85
C SER C 157 5.63 4.17 21.53
N ILE C 158 4.32 3.98 21.61
CA ILE C 158 3.34 5.02 21.26
C ILE C 158 2.29 5.28 22.36
N ALA C 159 1.74 6.48 22.39
CA ALA C 159 0.71 6.85 23.30
C ALA C 159 -0.55 7.06 22.50
N VAL C 160 -1.60 6.31 22.86
CA VAL C 160 -2.89 6.45 22.22
C VAL C 160 -3.80 7.24 23.20
N ASN C 161 -4.27 8.39 22.77
CA ASN C 161 -5.13 9.21 23.61
C ASN C 161 -6.57 8.87 23.43
N GLU C 162 -7.20 8.42 24.51
CA GLU C 162 -8.65 8.23 24.55
C GLU C 162 -9.31 9.38 25.34
N ASN C 163 -10.44 9.85 24.83
CA ASN C 163 -11.27 10.87 25.46
C ASN C 163 -12.68 10.31 25.66
N TYR C 164 -13.35 10.68 26.76
CA TYR C 164 -14.73 10.22 27.06
C TYR C 164 -15.49 10.99 28.15
N GLN C 165 -16.81 10.74 28.24
CA GLN C 165 -17.69 11.32 29.27
C GLN C 165 -18.02 10.32 30.41
N ASP C 166 -18.01 10.79 31.66
CA ASP C 166 -18.47 10.01 32.84
C ASP C 166 -19.79 9.29 32.59
N GLY C 169 -21.46 13.86 33.52
CA GLY C 169 -21.21 15.08 32.78
C GLY C 169 -19.79 15.20 32.21
N GLN C 170 -18.80 15.17 33.11
CA GLN C 170 -17.40 15.54 32.81
C GLN C 170 -16.72 14.77 31.66
N ARG C 171 -15.85 15.47 30.93
CA ARG C 171 -14.99 14.84 29.92
C ARG C 171 -13.71 14.30 30.58
N GLN C 172 -13.29 13.10 30.20
CA GLN C 172 -12.09 12.46 30.77
C GLN C 172 -11.04 12.13 29.69
N GLU C 173 -9.76 12.17 30.09
CA GLU C 173 -8.64 11.96 29.19
C GLU C 173 -7.72 10.88 29.72
N LYS C 174 -7.93 9.65 29.25
CA LYS C 174 -7.01 8.52 29.48
C LYS C 174 -5.93 8.43 28.37
N VAL C 175 -4.90 7.60 28.60
CA VAL C 175 -3.73 7.53 27.74
C VAL C 175 -3.23 6.11 27.77
N HIS C 176 -3.11 5.47 26.61
CA HIS C 176 -2.62 4.10 26.60
C HIS C 176 -1.26 4.01 25.97
N TYR C 177 -0.33 3.31 26.62
CA TYR C 177 1.03 3.14 26.08
C TYR C 177 1.18 1.77 25.44
N ILE C 178 1.44 1.79 24.15
CA ILE C 178 1.47 0.56 23.37
C ILE C 178 2.84 0.42 22.75
N ASP C 179 3.35 -0.81 22.82
CA ASP C 179 4.62 -1.14 22.19
C ASP C 179 4.43 -2.01 20.96
N ALA C 180 5.12 -1.59 19.91
CA ALA C 180 5.22 -2.33 18.68
C ALA C 180 6.66 -2.66 18.38
N THR C 181 6.83 -3.88 17.91
CA THR C 181 8.07 -4.32 17.33
C THR C 181 7.94 -4.24 15.81
N LEU C 182 8.91 -3.57 15.16
CA LEU C 182 9.07 -3.58 13.71
C LEU C 182 10.29 -4.43 13.34
N TRP C 183 10.10 -5.37 12.42
CA TRP C 183 11.19 -6.19 11.88
C TRP C 183 11.70 -5.71 10.52
N ARG C 184 12.93 -6.12 10.20
CA ARG C 184 13.56 -6.00 8.85
C ARG C 184 13.34 -4.68 8.10
N ASP C 185 12.84 -4.79 6.87
CA ASP C 185 12.49 -3.65 6.01
C ASP C 185 11.73 -2.53 6.74
N LEU C 186 10.69 -2.89 7.50
CA LEU C 186 9.87 -1.94 8.27
C LEU C 186 10.68 -1.15 9.30
N ALA C 187 11.55 -1.86 10.01
CA ALA C 187 12.48 -1.21 10.92
C ALA C 187 13.30 -0.15 10.19
N GLU C 188 13.74 -0.48 8.97
CA GLU C 188 14.65 0.39 8.21
C GLU C 188 13.99 1.72 7.85
N ASN C 189 12.80 1.63 7.25
CA ASN C 189 12.12 2.78 6.67
C ASN C 189 11.44 3.64 7.68
N MET C 190 11.62 3.30 8.95
CA MET C 190 10.94 3.98 10.03
C MET C 190 11.90 4.37 11.14
N LYS C 191 13.20 4.13 10.93
CA LYS C 191 14.23 4.56 11.87
C LYS C 191 14.12 6.06 12.13
N GLU C 192 13.95 6.83 11.06
CA GLU C 192 13.89 8.30 11.15
C GLU C 192 12.71 8.87 11.98
N LEU C 193 11.91 7.98 12.59
CA LEU C 193 10.83 8.44 13.48
C LEU C 193 11.35 9.14 14.74
N ARG C 194 10.68 10.24 15.10
CA ARG C 194 11.02 11.07 16.24
C ARG C 194 9.92 11.06 17.32
N LYS C 195 10.33 11.38 18.56
CA LYS C 195 9.38 11.72 19.62
C LYS C 195 8.36 12.67 19.06
N GLY C 196 7.08 12.39 19.32
CA GLY C 196 6.01 13.30 18.90
C GLY C 196 5.33 12.99 17.59
N ASP C 197 5.95 12.12 16.78
CA ASP C 197 5.45 11.86 15.42
C ASP C 197 4.21 10.99 15.40
N PRO C 198 3.11 11.49 14.81
CA PRO C 198 1.90 10.65 14.63
C PRO C 198 2.25 9.49 13.73
N VAL C 199 1.71 8.32 14.03
CA VAL C 199 2.09 7.14 13.34
C VAL C 199 0.91 6.17 13.34
N MET C 200 0.82 5.33 12.32
CA MET C 200 -0.22 4.32 12.30
C MET C 200 0.42 2.96 12.16
N ILE C 201 -0.07 1.98 12.90
CA ILE C 201 0.53 0.65 12.90
C ILE C 201 -0.59 -0.35 12.79
N MET C 202 -0.47 -1.21 11.77
CA MET C 202 -1.28 -2.40 11.57
C MET C 202 -0.43 -3.53 12.07
N GLY C 203 -1.05 -4.59 12.55
CA GLY C 203 -0.25 -5.74 12.89
C GLY C 203 -1.01 -6.81 13.61
N ARG C 204 -0.26 -7.62 14.34
CA ARG C 204 -0.78 -8.69 15.17
C ARG C 204 -0.48 -8.43 16.67
N LEU C 205 -1.43 -8.86 17.51
CA LEU C 205 -1.23 -8.72 18.96
C LEU C 205 -0.57 -9.98 19.50
N VAL C 206 0.61 -9.82 20.08
CA VAL C 206 1.35 -10.98 20.51
C VAL C 206 1.68 -11.00 22.02
N ASN C 207 1.91 -12.20 22.51
CA ASN C 207 2.50 -12.43 23.84
C ASN C 207 4.03 -12.47 23.81
N GLU C 208 4.63 -11.95 24.88
CA GLU C 208 6.06 -12.14 25.13
C GLU C 208 6.27 -13.02 26.36
N SER C 220 4.77 -10.01 28.16
CA SER C 220 4.21 -8.73 27.76
C SER C 220 3.24 -8.87 26.60
N THR C 221 2.35 -7.90 26.44
CA THR C 221 1.50 -7.81 25.25
C THR C 221 2.02 -6.74 24.28
N ARG C 222 2.32 -7.14 23.03
CA ARG C 222 2.83 -6.21 22.00
C ARG C 222 2.21 -6.38 20.59
N VAL C 223 2.24 -5.29 19.84
CA VAL C 223 1.86 -5.30 18.44
C VAL C 223 3.08 -5.73 17.62
N GLU C 224 3.00 -6.91 17.01
CA GLU C 224 3.96 -7.24 15.96
C GLU C 224 3.44 -6.56 14.67
N ALA C 225 4.10 -5.50 14.24
CA ALA C 225 3.67 -4.71 13.07
C ALA C 225 3.81 -5.49 11.76
N THR C 226 2.86 -5.30 10.85
CA THR C 226 3.00 -5.77 9.45
C THR C 226 3.03 -4.58 8.49
N ARG C 227 2.49 -3.45 8.94
CA ARG C 227 2.54 -2.23 8.18
C ARG C 227 2.55 -1.02 9.12
N VAL C 228 3.32 0.02 8.78
CA VAL C 228 3.38 1.24 9.57
C VAL C 228 3.40 2.42 8.62
N GLU C 229 2.62 3.47 8.92
CA GLU C 229 2.58 4.68 8.12
C GLU C 229 2.83 5.87 9.01
N ALA C 230 3.85 6.65 8.67
CA ALA C 230 4.08 7.93 9.31
C ALA C 230 3.04 8.83 8.74
N LEU C 231 2.49 9.70 9.60
CA LEU C 231 1.48 10.70 9.22
C LEU C 231 2.04 12.11 9.14
N ALA C 232 1.32 13.03 8.54
CA ALA C 232 1.78 14.41 8.35
C ALA C 232 2.00 15.07 9.73
N ARG C 233 3.25 15.48 9.99
CA ARG C 233 3.74 15.98 11.30
C ARG C 233 2.96 17.15 11.92
P TMP J . 9.67 12.51 -10.12
O1P TMP J . 10.86 11.96 -10.88
O2P TMP J . 9.85 12.56 -8.61
O3P TMP J . 8.34 11.88 -10.48
O5' TMP J . 9.59 14.08 -10.56
C5' TMP J . 9.39 14.51 -11.91
C4' TMP J . 10.67 14.99 -12.58
O4' TMP J . 10.83 14.34 -13.85
C3' TMP J . 10.64 16.48 -12.91
O3' TMP J . 11.44 17.20 -11.97
C2' TMP J . 11.20 16.65 -14.31
C1' TMP J . 11.49 15.22 -14.78
N1 TMP J . 11.06 15.02 -16.19
C2 TMP J . 12.04 14.84 -17.21
O2 TMP J . 13.27 14.84 -16.95
N3 TMP J . 11.67 14.66 -18.50
C4 TMP J . 10.37 14.63 -18.86
O4 TMP J . 10.05 14.45 -20.06
C5 TMP J . 9.34 14.81 -17.81
C5M TMP J . 7.87 14.79 -18.14
C6 TMP J . 9.75 15.01 -16.49
P TMP K . -9.36 -0.17 -13.23
O1P TMP K . -8.72 0.64 -12.12
O2P TMP K . -10.76 -0.65 -12.90
O3P TMP K . -8.48 -1.21 -13.90
O5' TMP K . -9.56 0.98 -14.35
C5' TMP K . -8.48 1.69 -14.94
C4' TMP K . -9.04 2.69 -15.93
O4' TMP K . -10.33 3.16 -15.52
C3' TMP K . -8.17 3.92 -15.93
O3' TMP K . -7.08 3.81 -16.85
C2' TMP K . -9.13 5.07 -16.21
C1' TMP K . -10.49 4.58 -15.74
N1 TMP K . -11.03 5.31 -14.55
C2 TMP K . -12.15 4.76 -13.83
O2 TMP K . -12.67 3.67 -14.19
N3 TMP K . -12.67 5.40 -12.76
C4 TMP K . -12.18 6.57 -12.31
O4 TMP K . -12.70 7.14 -11.31
C5 TMP K . -11.03 7.17 -13.03
C5M TMP K . -10.46 8.49 -12.55
C6 TMP K . -10.51 6.49 -14.14
P TMP L . -14.21 -30.36 -10.84
O1P TMP L . -13.17 -31.40 -10.49
O2P TMP L . -14.39 -29.31 -9.76
O3P TMP L . -15.52 -30.92 -11.38
O5' TMP L . -13.53 -29.55 -12.06
C5' TMP L . -14.25 -29.17 -13.24
C4' TMP L . -14.85 -27.76 -13.14
O4' TMP L . -16.28 -27.87 -12.96
C3' TMP L . -14.30 -26.93 -11.98
O3' TMP L . -13.45 -25.86 -12.45
C2' TMP L . -15.51 -26.43 -11.22
C1' TMP L . -16.75 -26.96 -11.96
N1 TMP L . -17.75 -27.59 -11.05
C2 TMP L . -19.09 -27.18 -11.11
O2 TMP L . -19.41 -26.32 -11.93
N3 TMP L . -20.05 -27.69 -10.32
C4 TMP L . -19.79 -28.63 -9.41
O4 TMP L . -20.68 -29.11 -8.68
C5 TMP L . -18.37 -29.11 -9.30
C5M TMP L . -17.97 -30.17 -8.29
C6 TMP L . -17.41 -28.54 -10.15
P TMP M . 0.21 -10.90 37.51
O1P TMP M . 0.31 -12.13 38.39
O2P TMP M . 1.13 -10.91 36.31
O3P TMP M . 0.25 -9.58 38.25
O5' TMP M . -1.29 -10.94 36.89
C5' TMP M . -2.33 -11.80 37.35
C4' TMP M . -2.96 -11.30 38.64
O4' TMP M . -2.56 -9.94 38.91
C3' TMP M . -4.49 -11.27 38.63
O3' TMP M . -5.06 -12.51 39.08
C2' TMP M . -4.85 -10.13 39.57
C1' TMP M . -3.61 -9.24 39.59
N1 TMP M . -3.89 -7.94 38.95
C2 TMP M . -4.14 -6.80 39.77
O2 TMP M . -4.10 -6.92 41.02
N3 TMP M . -4.39 -5.59 39.22
C4 TMP M . -4.44 -5.41 37.88
O4 TMP M . -4.69 -4.27 37.43
C5 TMP M . -4.19 -6.60 37.01
C5M TMP M . -4.21 -6.50 35.49
C6 TMP M . -3.91 -7.83 37.60
#